data_8D5R
#
_entry.id   8D5R
#
_cell.length_a   141.530
_cell.length_b   50.200
_cell.length_c   140.280
_cell.angle_alpha   90.000
_cell.angle_beta   116.000
_cell.angle_gamma   90.000
#
_symmetry.space_group_name_H-M   'C 1 2 1'
#
loop_
_entity.id
_entity.type
_entity.pdbx_description
1 polymer 'D-ornithine/D-lysine decarboxylase'
2 non-polymer 'DIMETHYL SULFOXIDE'
3 non-polymer N~2~-({3-HYDROXY-2-METHYL-5-[(PHOSPHONOOXY)METHYL]PYRIDIN-4-YL}METHYL)-D-ORNITHINE
4 non-polymer 'ACETATE ION'
5 non-polymer 'SODIUM ION'
6 non-polymer 'CHLORIDE ION'
7 non-polymer 1,4-DIAMINOBUTANE
8 non-polymer 1,2-ETHANEDIOL
9 water water
#
_entity_poly.entity_id   1
_entity_poly.type   'polypeptide(L)'
_entity_poly.pdbx_seq_one_letter_code
;MTDSIMQNYNQLREQVINGDRRFQHKDGHLCFEGVDLDALARQYPTPFYVFSEPEIIRNIHEIQQAFAAHKNTKTFFASK
TCSVMGVLKAIRDAGICAEANSQYEVRKCLEIGFRGDQIVFNGVVKKPADLEYAIANDLYLINVDSLYELEHIDAISRKL
KKVANVCVRVEPNVPSATHAELVTAFHAKSGLDLEQAEETCRRILAMPYVHLRGLHMHVGDQVPESEPFAKATKVLVDES
RRLEEVLGIKFDLINVGGGIPVPYKYDDENGDPLKDNMYAGITAQDFADAVIREVHKWRTDVEICIEPGRKVTGSAAVLL
TEVSCEKRKTNYDLNGNVECHVEWKFVDAGYSVLSDSQHFDWFFYVYNASRMTAAHDAWIKLAGPLCDGGDYFHMGVKGE
EFLLPKETHVGDIVAFLDAGAYTIESQTVFNNRPRTGVVMIDKNGDTRLIRREDSYEDMVKYDIYLAAALEHHHHHH
;
_entity_poly.pdbx_strand_id   A,B
#
loop_
_chem_comp.id
_chem_comp.type
_chem_comp.name
_chem_comp.formula
ACT non-polymer 'ACETATE ION' 'C2 H3 O2 -1'
CL non-polymer 'CHLORIDE ION' 'Cl -1'
DMS non-polymer 'DIMETHYL SULFOXIDE' 'C2 H6 O S'
EDO non-polymer 1,2-ETHANEDIOL 'C2 H6 O2'
NA non-polymer 'SODIUM ION' 'Na 1'
ORX non-polymer N~2~-({3-HYDROXY-2-METHYL-5-[(PHOSPHONOOXY)METHYL]PYRIDIN-4-YL}METHYL)-D-ORNITHINE 'C13 H22 N3 O7 P'
PUT non-polymer 1,4-DIAMINOBUTANE 'C4 H12 N2'
#
# COMPACT_ATOMS: atom_id res chain seq x y z
N MET A 1 3.04 -9.64 35.14
CA MET A 1 2.41 -9.20 33.89
C MET A 1 3.45 -8.89 32.83
N THR A 2 4.00 -7.66 32.87
CA THR A 2 5.00 -7.26 31.89
C THR A 2 6.29 -8.07 32.04
N ASP A 3 6.68 -8.39 33.28
CA ASP A 3 7.88 -9.19 33.47
C ASP A 3 7.71 -10.57 32.85
N SER A 4 6.53 -11.17 32.97
CA SER A 4 6.29 -12.48 32.38
C SER A 4 6.20 -12.41 30.86
N ILE A 5 5.64 -11.31 30.33
CA ILE A 5 5.64 -11.13 28.88
C ILE A 5 7.09 -11.10 28.37
N MET A 6 7.94 -10.36 29.07
CA MET A 6 9.37 -10.33 28.74
C MET A 6 10.00 -11.72 28.86
N GLN A 7 9.70 -12.44 29.94
CA GLN A 7 10.25 -13.79 30.09
C GLN A 7 9.80 -14.68 28.93
N ASN A 8 8.50 -14.65 28.62
CA ASN A 8 7.97 -15.46 27.53
C ASN A 8 8.63 -15.11 26.19
N TYR A 9 8.80 -13.82 25.92
CA TYR A 9 9.40 -13.45 24.64
C TYR A 9 10.82 -13.98 24.51
N ASN A 10 11.57 -14.03 25.63
CA ASN A 10 12.93 -14.53 25.56
C ASN A 10 12.99 -16.06 25.50
N GLN A 11 12.00 -16.74 26.08
CA GLN A 11 11.82 -18.15 25.76
C GLN A 11 11.62 -18.35 24.27
N LEU A 12 10.78 -17.52 23.63
CA LEU A 12 10.58 -17.65 22.20
C LEU A 12 11.88 -17.41 21.44
N ARG A 13 12.67 -16.41 21.88
CA ARG A 13 13.94 -16.11 21.22
C ARG A 13 14.89 -17.30 21.26
N GLU A 14 15.01 -17.95 22.42
CA GLU A 14 15.89 -19.12 22.50
C GLU A 14 15.40 -20.26 21.62
N GLN A 15 14.07 -20.39 21.45
CA GLN A 15 13.54 -21.43 20.58
C GLN A 15 13.92 -21.18 19.12
N VAL A 16 14.03 -19.91 18.71
CA VAL A 16 14.42 -19.62 17.33
C VAL A 16 15.80 -20.20 17.03
N ILE A 17 16.76 -19.99 17.94
CA ILE A 17 18.13 -20.43 17.67
C ILE A 17 18.42 -21.86 18.14
N ASN A 18 17.50 -22.49 18.87
N ASN A 18 17.51 -22.50 18.87
CA ASN A 18 17.65 -23.85 19.39
CA ASN A 18 17.72 -23.86 19.40
C ASN A 18 16.31 -24.58 19.21
C ASN A 18 16.94 -24.95 18.67
N GLY A 19 16.02 -25.01 18.00
N GLY A 19 15.68 -24.71 18.33
CA GLY A 19 14.87 -25.87 17.77
CA GLY A 19 14.83 -25.77 17.83
C GLY A 19 14.05 -25.54 16.55
C GLY A 19 13.94 -25.34 16.70
N ASP A 20 14.47 -24.52 15.81
CA ASP A 20 13.74 -24.06 14.63
C ASP A 20 14.49 -24.58 13.42
N ARG A 21 13.82 -25.34 12.57
CA ARG A 21 14.49 -25.95 11.44
C ARG A 21 15.14 -24.93 10.49
N ARG A 22 14.78 -23.64 10.59
CA ARG A 22 15.32 -22.64 9.68
C ARG A 22 16.54 -21.91 10.22
N PHE A 23 16.72 -21.82 11.55
CA PHE A 23 17.62 -20.82 12.13
C PHE A 23 18.65 -21.43 13.06
N GLN A 24 19.75 -20.69 13.21
CA GLN A 24 20.83 -21.01 14.14
C GLN A 24 21.40 -19.68 14.64
N HIS A 25 22.48 -19.75 15.41
CA HIS A 25 23.25 -18.55 15.68
C HIS A 25 24.73 -18.84 15.51
N LYS A 26 25.47 -17.78 15.18
CA LYS A 26 26.92 -17.88 15.07
C LYS A 26 27.52 -16.53 15.44
N ASP A 27 28.46 -16.55 16.39
CA ASP A 27 29.10 -15.31 16.84
C ASP A 27 28.08 -14.33 17.40
N GLY A 28 27.02 -14.85 18.00
CA GLY A 28 25.95 -14.01 18.50
C GLY A 28 25.00 -13.48 17.46
N HIS A 29 25.10 -13.92 16.20
CA HIS A 29 24.26 -13.45 15.08
C HIS A 29 23.23 -14.49 14.68
N LEU A 30 22.04 -14.02 14.30
CA LEU A 30 21.04 -14.91 13.75
C LEU A 30 21.50 -15.43 12.38
N CYS A 31 21.34 -16.73 12.16
CA CYS A 31 21.68 -17.36 10.88
C CYS A 31 20.43 -18.08 10.35
N PHE A 32 20.32 -18.10 9.02
CA PHE A 32 19.18 -18.66 8.30
C PHE A 32 19.77 -19.67 7.33
N GLU A 33 19.45 -20.95 7.50
CA GLU A 33 20.04 -21.98 6.62
C GLU A 33 21.56 -21.91 6.65
N GLY A 34 22.12 -21.52 7.79
CA GLY A 34 23.57 -21.39 7.99
C GLY A 34 24.19 -20.12 7.45
N VAL A 35 23.39 -19.21 6.91
CA VAL A 35 23.88 -17.93 6.40
C VAL A 35 23.77 -16.92 7.54
N ASP A 36 24.91 -16.35 7.93
CA ASP A 36 24.93 -15.29 8.94
C ASP A 36 24.25 -14.05 8.39
N LEU A 37 23.15 -13.65 9.04
CA LEU A 37 22.34 -12.54 8.50
C LEU A 37 22.90 -11.17 8.87
N ASP A 38 23.62 -11.05 9.98
CA ASP A 38 24.36 -9.81 10.21
C ASP A 38 25.37 -9.59 9.09
N ALA A 39 26.17 -10.62 8.79
CA ALA A 39 27.11 -10.54 7.69
C ALA A 39 26.43 -10.30 6.35
N LEU A 40 25.31 -11.00 6.07
CA LEU A 40 24.63 -10.78 4.81
C LEU A 40 24.19 -9.33 4.68
N ALA A 41 23.79 -8.71 5.78
CA ALA A 41 23.33 -7.32 5.71
C ALA A 41 24.48 -6.33 5.59
N ARG A 42 25.73 -6.77 5.73
CA ARG A 42 26.87 -5.94 5.40
C ARG A 42 27.28 -6.06 3.93
N GLN A 43 26.85 -7.14 3.26
N GLN A 43 26.81 -7.09 3.23
CA GLN A 43 27.12 -7.30 1.83
CA GLN A 43 27.16 -7.28 1.83
C GLN A 43 26.13 -6.52 0.98
C GLN A 43 26.08 -6.80 0.87
N TYR A 44 24.86 -6.58 1.35
CA TYR A 44 23.78 -5.99 0.59
C TYR A 44 23.20 -4.83 1.39
N PRO A 45 22.85 -3.72 0.72
CA PRO A 45 22.28 -2.59 1.45
C PRO A 45 20.88 -2.89 1.98
N THR A 46 20.67 -2.53 3.24
CA THR A 46 19.37 -2.68 3.88
C THR A 46 18.46 -1.53 3.46
N PRO A 47 17.15 -1.72 3.54
CA PRO A 47 16.50 -2.98 3.92
C PRO A 47 16.38 -3.96 2.73
N PHE A 48 16.42 -5.26 3.02
CA PHE A 48 16.12 -6.25 1.97
C PHE A 48 15.50 -7.51 2.59
N TYR A 49 14.83 -8.28 1.72
CA TYR A 49 14.30 -9.59 2.09
C TYR A 49 15.27 -10.69 1.67
N VAL A 50 15.39 -11.73 2.48
N VAL A 50 15.34 -11.75 2.46
CA VAL A 50 16.13 -12.93 2.11
CA VAL A 50 16.11 -12.95 2.16
C VAL A 50 15.20 -14.14 2.20
C VAL A 50 15.15 -14.14 2.18
N PHE A 51 15.08 -14.88 1.08
CA PHE A 51 14.28 -16.10 1.03
C PHE A 51 15.17 -17.34 1.12
N SER A 52 14.55 -18.43 1.57
CA SER A 52 15.24 -19.71 1.74
C SER A 52 14.54 -20.72 0.83
N GLU A 53 15.25 -21.15 -0.22
CA GLU A 53 14.74 -22.24 -1.04
C GLU A 53 14.54 -23.52 -0.23
N PRO A 54 15.42 -23.90 0.69
CA PRO A 54 15.13 -25.10 1.51
C PRO A 54 13.81 -25.01 2.26
N GLU A 55 13.44 -23.82 2.78
CA GLU A 55 12.21 -23.73 3.57
C GLU A 55 10.97 -23.77 2.69
N ILE A 56 11.02 -23.17 1.49
CA ILE A 56 9.94 -23.36 0.51
C ILE A 56 9.75 -24.85 0.21
N ILE A 57 10.85 -25.58 0.00
CA ILE A 57 10.77 -27.00 -0.29
C ILE A 57 10.14 -27.75 0.88
N ARG A 58 10.53 -27.40 2.11
CA ARG A 58 9.89 -27.99 3.29
C ARG A 58 8.38 -27.71 3.32
N ASN A 59 7.97 -26.47 3.10
CA ASN A 59 6.54 -26.15 3.12
C ASN A 59 5.75 -26.93 2.07
N ILE A 60 6.31 -27.05 0.86
CA ILE A 60 5.63 -27.78 -0.21
C ILE A 60 5.47 -29.25 0.18
N HIS A 61 6.51 -29.83 0.78
CA HIS A 61 6.40 -31.19 1.30
C HIS A 61 5.29 -31.31 2.34
N GLU A 62 5.18 -30.36 3.27
CA GLU A 62 4.11 -30.44 4.27
C GLU A 62 2.74 -30.50 3.61
N ILE A 63 2.53 -29.65 2.60
CA ILE A 63 1.25 -29.61 1.88
C ILE A 63 1.03 -30.92 1.13
N GLN A 64 2.05 -31.36 0.40
CA GLN A 64 1.89 -32.57 -0.41
C GLN A 64 1.69 -33.80 0.47
N GLN A 65 2.50 -33.93 1.53
CA GLN A 65 2.32 -35.06 2.44
C GLN A 65 0.92 -35.06 3.06
N ALA A 66 0.38 -33.86 3.35
CA ALA A 66 -0.93 -33.78 3.98
C ALA A 66 -2.02 -34.41 3.12
N PHE A 67 -1.88 -34.39 1.79
CA PHE A 67 -2.88 -34.95 0.88
C PHE A 67 -2.59 -36.38 0.45
N ALA A 68 -1.82 -37.12 1.25
CA ALA A 68 -1.44 -38.50 0.88
C ALA A 68 -2.64 -39.44 0.76
N ALA A 69 -3.75 -39.15 1.44
CA ALA A 69 -4.90 -40.05 1.38
C ALA A 69 -5.71 -39.87 0.11
N HIS A 70 -5.35 -38.89 -0.74
CA HIS A 70 -6.03 -38.67 -2.02
C HIS A 70 -4.92 -38.51 -3.05
N LYS A 71 -4.68 -39.56 -3.84
CA LYS A 71 -3.56 -39.55 -4.78
CA LYS A 71 -3.56 -39.53 -4.76
C LYS A 71 -3.77 -38.51 -5.89
N ASN A 72 -5.00 -38.32 -6.35
N ASN A 72 -5.00 -38.37 -6.36
CA ASN A 72 -5.27 -37.40 -7.46
CA ASN A 72 -5.28 -37.48 -7.48
C ASN A 72 -5.46 -35.98 -6.92
C ASN A 72 -5.49 -36.05 -6.99
N THR A 73 -4.37 -35.42 -6.38
N THR A 73 -4.44 -35.49 -6.39
CA THR A 73 -4.36 -34.04 -5.87
CA THR A 73 -4.43 -34.08 -6.05
C THR A 73 -3.37 -33.20 -6.68
C THR A 73 -3.52 -33.31 -7.01
N LYS A 74 -3.81 -32.03 -7.16
CA LYS A 74 -2.96 -31.13 -7.91
C LYS A 74 -2.82 -29.84 -7.12
N THR A 75 -1.60 -29.36 -6.95
CA THR A 75 -1.30 -28.22 -6.09
C THR A 75 -0.82 -27.04 -6.91
N PHE A 76 -1.52 -25.92 -6.79
CA PHE A 76 -1.20 -24.72 -7.55
C PHE A 76 -0.78 -23.60 -6.58
N PHE A 77 0.48 -23.21 -6.61
CA PHE A 77 0.90 -22.06 -5.80
C PHE A 77 0.22 -20.78 -6.25
N ALA A 78 -0.44 -20.08 -5.30
CA ALA A 78 -1.11 -18.82 -5.59
C ALA A 78 -0.05 -17.73 -5.75
N SER A 79 0.26 -17.41 -7.01
N SER A 79 0.29 -17.42 -7.00
CA SER A 79 1.41 -16.56 -7.33
CA SER A 79 1.47 -16.57 -7.23
C SER A 79 1.29 -15.15 -6.75
C SER A 79 1.30 -15.13 -6.77
N LYS A 80 0.08 -14.69 -6.49
CA LYS A 80 -0.06 -13.35 -5.93
C LYS A 80 0.62 -13.22 -4.58
N THR A 81 0.97 -14.36 -3.95
CA THR A 81 1.69 -14.38 -2.67
C THR A 81 3.12 -13.87 -2.82
N CYS A 82 3.75 -14.17 -3.95
CA CYS A 82 5.14 -13.79 -4.25
C CYS A 82 5.47 -14.28 -5.63
N SER A 83 5.75 -13.36 -6.56
CA SER A 83 5.99 -13.74 -7.95
C SER A 83 7.35 -13.28 -8.43
N VAL A 84 8.29 -13.02 -7.51
CA VAL A 84 9.68 -12.79 -7.92
C VAL A 84 10.11 -14.01 -8.73
N MET A 85 10.77 -13.76 -9.86
CA MET A 85 11.00 -14.89 -10.79
C MET A 85 11.80 -16.03 -10.13
N GLY A 86 12.85 -15.71 -9.36
CA GLY A 86 13.63 -16.76 -8.69
C GLY A 86 12.83 -17.59 -7.70
N VAL A 87 11.84 -16.97 -7.05
CA VAL A 87 10.94 -17.70 -6.16
C VAL A 87 10.02 -18.61 -6.96
N LEU A 88 9.43 -18.10 -8.06
CA LEU A 88 8.62 -18.97 -8.92
C LEU A 88 9.44 -20.15 -9.46
N LYS A 89 10.70 -19.89 -9.84
CA LYS A 89 11.51 -20.98 -10.38
C LYS A 89 11.74 -22.05 -9.33
N ALA A 90 12.00 -21.65 -8.08
CA ALA A 90 12.18 -22.64 -7.03
C ALA A 90 10.92 -23.46 -6.82
N ILE A 91 9.76 -22.80 -6.87
CA ILE A 91 8.50 -23.51 -6.71
C ILE A 91 8.26 -24.49 -7.87
N ARG A 92 8.54 -24.06 -9.10
CA ARG A 92 8.44 -24.99 -10.24
C ARG A 92 9.39 -26.18 -10.08
N ASP A 93 10.63 -25.91 -9.65
CA ASP A 93 11.60 -26.99 -9.45
C ASP A 93 11.15 -27.97 -8.38
N ALA A 94 10.40 -27.50 -7.38
CA ALA A 94 9.90 -28.40 -6.35
C ALA A 94 8.75 -29.27 -6.84
N GLY A 95 8.22 -28.99 -8.03
CA GLY A 95 7.35 -29.93 -8.73
C GLY A 95 5.87 -29.63 -8.70
N ILE A 96 5.46 -28.45 -8.20
CA ILE A 96 4.04 -28.13 -8.16
C ILE A 96 3.68 -27.15 -9.27
N CYS A 97 2.39 -26.78 -9.33
CA CYS A 97 1.87 -25.95 -10.40
C CYS A 97 1.66 -24.51 -9.90
N ALA A 98 0.97 -23.70 -10.70
CA ALA A 98 0.87 -22.27 -10.42
C ALA A 98 -0.55 -21.75 -10.64
N GLU A 99 -1.01 -20.89 -9.74
CA GLU A 99 -2.25 -20.14 -9.91
C GLU A 99 -1.89 -18.68 -10.15
N ALA A 100 -2.59 -18.06 -11.08
CA ALA A 100 -2.30 -16.69 -11.50
C ALA A 100 -3.57 -15.86 -11.44
N ASN A 101 -3.34 -14.57 -11.27
N ASN A 101 -3.43 -14.56 -11.14
CA ASN A 101 -4.36 -13.63 -10.85
CA ASN A 101 -4.61 -13.70 -10.98
C ASN A 101 -4.40 -12.41 -11.76
C ASN A 101 -4.70 -12.56 -12.00
N SER A 102 -3.76 -12.47 -12.93
CA SER A 102 -3.80 -11.41 -13.95
C SER A 102 -3.11 -11.95 -15.19
N GLN A 103 -3.25 -11.21 -16.29
CA GLN A 103 -2.57 -11.58 -17.53
C GLN A 103 -1.06 -11.63 -17.36
N TYR A 104 -0.49 -10.62 -16.66
CA TYR A 104 0.96 -10.62 -16.49
C TYR A 104 1.42 -11.73 -15.56
N GLU A 105 0.60 -12.14 -14.60
CA GLU A 105 0.95 -13.31 -13.79
C GLU A 105 0.97 -14.58 -14.62
N VAL A 106 -0.03 -14.75 -15.50
CA VAL A 106 -0.01 -15.90 -16.39
C VAL A 106 1.26 -15.88 -17.23
N ARG A 107 1.58 -14.71 -17.80
CA ARG A 107 2.73 -14.61 -18.67
C ARG A 107 4.03 -14.93 -17.93
N LYS A 108 4.18 -14.43 -16.69
CA LYS A 108 5.43 -14.73 -15.99
C LYS A 108 5.53 -16.20 -15.60
N CYS A 109 4.40 -16.84 -15.28
CA CYS A 109 4.44 -18.28 -15.00
C CYS A 109 4.85 -19.07 -16.24
N LEU A 110 4.31 -18.70 -17.41
CA LEU A 110 4.74 -19.35 -18.65
C LEU A 110 6.22 -19.08 -18.92
N GLU A 111 6.66 -17.83 -18.73
N GLU A 111 6.68 -17.85 -18.68
CA GLU A 111 8.06 -17.49 -19.00
CA GLU A 111 8.06 -17.49 -19.01
C GLU A 111 8.99 -18.32 -18.11
C GLU A 111 9.08 -18.10 -18.04
N ILE A 112 8.65 -18.47 -16.83
CA ILE A 112 9.54 -19.14 -15.88
C ILE A 112 9.50 -20.66 -16.04
N GLY A 113 8.57 -21.19 -16.83
CA GLY A 113 8.65 -22.60 -17.15
C GLY A 113 7.44 -23.45 -16.86
N PHE A 114 6.40 -22.89 -16.23
CA PHE A 114 5.18 -23.65 -16.05
C PHE A 114 4.51 -23.84 -17.42
N ARG A 115 4.11 -25.07 -17.71
CA ARG A 115 3.32 -25.34 -18.91
C ARG A 115 1.92 -24.76 -18.75
N GLY A 116 1.25 -24.52 -19.87
CA GLY A 116 -0.15 -24.12 -19.80
C GLY A 116 -0.98 -25.07 -18.96
N ASP A 117 -0.73 -26.38 -19.09
CA ASP A 117 -1.48 -27.36 -18.30
C ASP A 117 -1.10 -27.38 -16.81
N GLN A 118 -0.21 -26.49 -16.38
CA GLN A 118 0.14 -26.32 -14.99
C GLN A 118 -0.32 -24.97 -14.43
N ILE A 119 -1.23 -24.26 -15.11
CA ILE A 119 -1.61 -22.91 -14.68
C ILE A 119 -3.12 -22.81 -14.58
N VAL A 120 -3.61 -22.21 -13.50
N VAL A 120 -3.60 -22.26 -13.46
CA VAL A 120 -5.02 -21.87 -13.35
CA VAL A 120 -4.99 -21.85 -13.27
C VAL A 120 -5.17 -20.36 -13.20
C VAL A 120 -5.03 -20.33 -13.31
N PHE A 121 -6.02 -19.77 -14.04
CA PHE A 121 -6.22 -18.30 -14.09
C PHE A 121 -7.53 -17.95 -13.39
N ASN A 122 -7.42 -17.21 -12.28
CA ASN A 122 -8.57 -16.76 -11.49
C ASN A 122 -8.72 -15.25 -11.59
N GLY A 123 -9.95 -14.81 -11.38
CA GLY A 123 -10.18 -13.37 -11.29
C GLY A 123 -11.61 -12.93 -11.45
N VAL A 124 -11.93 -11.78 -10.86
CA VAL A 124 -13.24 -11.15 -11.03
C VAL A 124 -13.31 -10.24 -12.24
N VAL A 125 -12.17 -9.76 -12.76
CA VAL A 125 -12.12 -8.92 -13.95
C VAL A 125 -11.11 -9.56 -14.88
N LYS A 126 -11.61 -10.34 -15.85
CA LYS A 126 -10.83 -10.93 -16.92
C LYS A 126 -11.37 -10.29 -18.19
N LYS A 127 -10.67 -9.25 -18.67
CA LYS A 127 -11.10 -8.56 -19.85
C LYS A 127 -10.87 -9.42 -21.08
N PRO A 128 -11.50 -9.09 -22.19
CA PRO A 128 -11.29 -9.88 -23.42
C PRO A 128 -9.82 -10.15 -23.75
N ALA A 129 -8.94 -9.16 -23.59
CA ALA A 129 -7.54 -9.39 -23.91
C ALA A 129 -6.91 -10.39 -22.96
N ASP A 130 -7.35 -10.38 -21.70
CA ASP A 130 -6.83 -11.33 -20.71
C ASP A 130 -7.30 -12.74 -21.04
N LEU A 131 -8.58 -12.86 -21.43
CA LEU A 131 -9.16 -14.17 -21.74
C LEU A 131 -8.55 -14.74 -23.01
N GLU A 132 -8.34 -13.90 -24.02
CA GLU A 132 -7.72 -14.36 -25.25
C GLU A 132 -6.31 -14.89 -24.99
N TYR A 133 -5.54 -14.17 -24.16
CA TYR A 133 -4.20 -14.63 -23.85
C TYR A 133 -4.24 -15.99 -23.14
N ALA A 134 -5.18 -16.13 -22.20
CA ALA A 134 -5.27 -17.38 -21.43
C ALA A 134 -5.70 -18.56 -22.31
N ILE A 135 -6.74 -18.36 -23.14
CA ILE A 135 -7.26 -19.43 -24.00
C ILE A 135 -6.22 -19.82 -25.04
N ALA A 136 -5.54 -18.83 -25.62
CA ALA A 136 -4.52 -19.11 -26.61
C ALA A 136 -3.41 -19.98 -26.06
N ASN A 137 -3.15 -19.90 -24.75
CA ASN A 137 -2.06 -20.62 -24.13
C ASN A 137 -2.50 -21.92 -23.44
N ASP A 138 -3.75 -22.36 -23.67
CA ASP A 138 -4.19 -23.71 -23.28
CA ASP A 138 -4.20 -23.71 -23.29
C ASP A 138 -4.06 -23.94 -21.78
N LEU A 139 -4.49 -22.96 -20.99
CA LEU A 139 -4.38 -23.10 -19.54
C LEU A 139 -5.21 -24.26 -19.03
N TYR A 140 -4.75 -24.86 -17.92
CA TYR A 140 -5.46 -25.97 -17.29
C TYR A 140 -6.86 -25.57 -16.87
N LEU A 141 -7.00 -24.41 -16.23
CA LEU A 141 -8.31 -23.90 -15.85
C LEU A 141 -8.32 -22.39 -15.96
N ILE A 142 -9.46 -21.86 -16.43
CA ILE A 142 -9.84 -20.46 -16.26
C ILE A 142 -11.11 -20.49 -15.44
N ASN A 143 -11.09 -19.82 -14.30
N ASN A 143 -11.15 -19.77 -14.32
CA ASN A 143 -12.33 -19.87 -13.57
CA ASN A 143 -12.30 -19.91 -13.42
C ASN A 143 -13.39 -19.00 -14.24
C ASN A 143 -13.39 -18.87 -13.69
N VAL A 144 -14.61 -19.35 -13.97
CA VAL A 144 -15.74 -18.54 -14.42
C VAL A 144 -16.29 -17.86 -13.17
N ASP A 145 -16.21 -16.53 -13.12
CA ASP A 145 -16.61 -15.81 -11.92
C ASP A 145 -17.96 -15.10 -12.07
N SER A 146 -18.44 -14.91 -13.30
CA SER A 146 -19.68 -14.21 -13.55
C SER A 146 -20.25 -14.66 -14.89
N LEU A 147 -21.57 -14.45 -15.04
CA LEU A 147 -22.23 -14.70 -16.31
C LEU A 147 -21.74 -13.74 -17.41
N TYR A 148 -21.40 -12.50 -17.03
CA TYR A 148 -20.92 -11.54 -18.02
C TYR A 148 -19.62 -12.04 -18.64
N GLU A 149 -18.70 -12.46 -17.79
CA GLU A 149 -17.42 -12.97 -18.25
C GLU A 149 -17.61 -14.22 -19.12
N LEU A 150 -18.58 -15.06 -18.77
CA LEU A 150 -18.82 -16.28 -19.54
C LEU A 150 -19.16 -15.98 -20.99
N GLU A 151 -19.90 -14.91 -21.25
CA GLU A 151 -20.21 -14.57 -22.63
CA GLU A 151 -20.22 -14.56 -22.63
C GLU A 151 -18.95 -14.27 -23.43
N HIS A 152 -17.98 -13.61 -22.80
CA HIS A 152 -16.72 -13.35 -23.49
C HIS A 152 -15.94 -14.63 -23.71
N ILE A 153 -15.97 -15.56 -22.73
CA ILE A 153 -15.26 -16.83 -22.92
C ILE A 153 -15.84 -17.60 -24.12
N ASP A 154 -17.17 -17.65 -24.24
CA ASP A 154 -17.80 -18.29 -25.40
C ASP A 154 -17.34 -17.62 -26.71
N ALA A 155 -17.43 -16.30 -26.77
CA ALA A 155 -17.10 -15.59 -28.02
C ALA A 155 -15.62 -15.77 -28.39
N ILE A 156 -14.72 -15.68 -27.41
CA ILE A 156 -13.29 -15.70 -27.69
C ILE A 156 -12.81 -17.10 -28.02
N SER A 157 -13.31 -18.11 -27.29
CA SER A 157 -12.98 -19.49 -27.63
C SER A 157 -13.46 -19.83 -29.06
N ARG A 158 -14.64 -19.32 -29.44
CA ARG A 158 -15.11 -19.48 -30.83
C ARG A 158 -14.18 -18.81 -31.84
N LYS A 159 -13.72 -17.59 -31.53
CA LYS A 159 -12.84 -16.87 -32.45
C LYS A 159 -11.54 -17.63 -32.66
N LEU A 160 -10.93 -18.10 -31.58
CA LEU A 160 -9.67 -18.82 -31.67
C LEU A 160 -9.84 -20.28 -32.09
N LYS A 161 -11.06 -20.81 -32.11
CA LYS A 161 -11.30 -22.24 -32.35
CA LYS A 161 -11.30 -22.24 -32.35
C LYS A 161 -10.47 -23.09 -31.39
N LYS A 162 -10.46 -22.70 -30.11
CA LYS A 162 -9.66 -23.37 -29.10
CA LYS A 162 -9.66 -23.36 -29.10
C LYS A 162 -10.50 -23.57 -27.86
N VAL A 163 -10.47 -24.79 -27.32
CA VAL A 163 -11.26 -25.10 -26.14
C VAL A 163 -10.70 -24.36 -24.93
N ALA A 164 -11.59 -23.66 -24.22
CA ALA A 164 -11.30 -23.05 -22.92
C ALA A 164 -11.73 -24.01 -21.83
N ASN A 165 -10.80 -24.38 -20.94
CA ASN A 165 -11.09 -25.30 -19.85
C ASN A 165 -11.49 -24.48 -18.63
N VAL A 166 -12.67 -24.74 -18.07
CA VAL A 166 -13.20 -23.83 -17.05
C VAL A 166 -13.66 -24.58 -15.82
N CYS A 167 -13.59 -23.86 -14.70
CA CYS A 167 -14.30 -24.23 -13.49
CA CYS A 167 -14.26 -24.19 -13.45
C CYS A 167 -15.22 -23.08 -13.12
N VAL A 168 -16.37 -23.40 -12.56
CA VAL A 168 -17.36 -22.38 -12.19
C VAL A 168 -17.18 -22.06 -10.72
N ARG A 169 -16.81 -20.81 -10.41
CA ARG A 169 -16.58 -20.44 -9.01
C ARG A 169 -17.92 -20.13 -8.34
N VAL A 170 -18.20 -20.82 -7.22
CA VAL A 170 -19.42 -20.62 -6.46
C VAL A 170 -19.02 -20.12 -5.08
N GLU A 171 -19.74 -19.13 -4.55
CA GLU A 171 -19.43 -18.70 -3.19
CA GLU A 171 -19.42 -18.72 -3.19
C GLU A 171 -20.43 -19.35 -2.27
N PRO A 172 -20.00 -20.28 -1.40
N PRO A 172 -20.02 -20.32 -1.44
CA PRO A 172 -20.95 -20.95 -0.50
CA PRO A 172 -20.98 -20.95 -0.52
C PRO A 172 -21.38 -20.01 0.62
C PRO A 172 -21.39 -19.95 0.55
N ASN A 173 -22.69 -19.83 0.76
CA ASN A 173 -23.23 -18.96 1.82
C ASN A 173 -23.18 -19.75 3.12
N VAL A 174 -22.10 -19.55 3.87
CA VAL A 174 -21.90 -20.27 5.13
C VAL A 174 -21.88 -19.33 6.35
N VAL A 183 -22.71 -11.14 5.37
CA VAL A 183 -23.67 -11.60 4.35
C VAL A 183 -22.97 -11.81 3.01
N THR A 184 -23.11 -13.01 2.42
CA THR A 184 -22.38 -13.33 1.19
C THR A 184 -22.72 -12.37 0.06
N ALA A 185 -24.01 -12.09 -0.16
CA ALA A 185 -24.40 -11.18 -1.23
C ALA A 185 -23.77 -9.80 -1.05
N PHE A 186 -23.76 -9.29 0.19
CA PHE A 186 -23.29 -7.94 0.46
CA PHE A 186 -23.29 -7.94 0.51
C PHE A 186 -21.78 -7.86 0.69
N HIS A 187 -21.12 -8.96 1.01
CA HIS A 187 -19.72 -8.87 1.38
C HIS A 187 -18.77 -9.68 0.52
N ALA A 188 -19.27 -10.57 -0.35
CA ALA A 188 -18.43 -11.41 -1.20
C ALA A 188 -18.60 -10.99 -2.66
N LYS A 189 -17.61 -10.25 -3.19
CA LYS A 189 -17.69 -9.87 -4.59
C LYS A 189 -17.43 -11.02 -5.56
N SER A 190 -16.83 -12.10 -5.10
CA SER A 190 -16.35 -13.15 -6.00
C SER A 190 -17.36 -14.29 -6.13
N GLY A 191 -17.30 -14.94 -7.29
CA GLY A 191 -18.10 -16.14 -7.54
C GLY A 191 -19.54 -15.87 -7.91
N LEU A 192 -20.19 -16.94 -8.31
CA LEU A 192 -21.63 -16.96 -8.52
C LEU A 192 -22.34 -17.41 -7.24
N ASP A 193 -23.63 -17.08 -7.15
CA ASP A 193 -24.45 -17.70 -6.12
C ASP A 193 -24.60 -19.18 -6.43
N LEU A 194 -24.70 -19.99 -5.37
CA LEU A 194 -24.98 -21.42 -5.55
C LEU A 194 -26.17 -21.62 -6.48
N GLU A 195 -27.22 -20.83 -6.28
CA GLU A 195 -28.43 -20.97 -7.08
C GLU A 195 -28.18 -20.79 -8.58
N GLN A 196 -27.10 -20.14 -8.98
CA GLN A 196 -26.81 -19.91 -10.39
C GLN A 196 -25.94 -21.00 -11.01
N ALA A 197 -25.46 -21.96 -10.21
CA ALA A 197 -24.49 -22.92 -10.74
C ALA A 197 -25.10 -23.81 -11.82
N GLU A 198 -26.34 -24.28 -11.62
CA GLU A 198 -26.92 -25.24 -12.56
C GLU A 198 -27.06 -24.64 -13.95
N GLU A 199 -27.69 -23.48 -14.06
CA GLU A 199 -27.88 -22.89 -15.38
C GLU A 199 -26.55 -22.49 -16.02
N THR A 200 -25.57 -22.04 -15.22
CA THR A 200 -24.26 -21.70 -15.78
C THR A 200 -23.62 -22.92 -16.39
N CYS A 201 -23.65 -24.03 -15.65
CA CYS A 201 -23.08 -25.27 -16.18
C CYS A 201 -23.82 -25.72 -17.42
N ARG A 202 -25.15 -25.58 -17.42
CA ARG A 202 -25.96 -25.94 -18.60
C ARG A 202 -25.51 -25.16 -19.82
N ARG A 203 -25.34 -23.84 -19.66
CA ARG A 203 -24.88 -23.01 -20.77
CA ARG A 203 -24.88 -23.01 -20.77
C ARG A 203 -23.53 -23.49 -21.29
N ILE A 204 -22.60 -23.78 -20.38
CA ILE A 204 -21.25 -24.18 -20.76
C ILE A 204 -21.26 -25.49 -21.54
N LEU A 205 -22.07 -26.46 -21.11
CA LEU A 205 -22.12 -27.73 -21.84
C LEU A 205 -22.47 -27.48 -23.30
N ALA A 206 -23.38 -26.53 -23.56
CA ALA A 206 -23.82 -26.27 -24.93
C ALA A 206 -22.81 -25.46 -25.75
N MET A 207 -21.83 -24.82 -25.11
CA MET A 207 -20.88 -24.01 -25.86
C MET A 207 -19.84 -24.91 -26.53
N PRO A 208 -19.59 -24.73 -27.84
CA PRO A 208 -18.73 -25.69 -28.55
C PRO A 208 -17.28 -25.67 -28.10
N TYR A 209 -16.76 -24.55 -27.62
CA TYR A 209 -15.35 -24.45 -27.28
CA TYR A 209 -15.34 -24.43 -27.29
C TYR A 209 -15.10 -24.14 -25.80
N VAL A 210 -16.06 -24.46 -24.95
CA VAL A 210 -15.87 -24.33 -23.51
C VAL A 210 -16.11 -25.68 -22.88
N HIS A 211 -15.16 -26.14 -22.07
CA HIS A 211 -15.20 -27.48 -21.48
C HIS A 211 -15.30 -27.32 -19.97
N LEU A 212 -16.41 -27.78 -19.39
CA LEU A 212 -16.67 -27.65 -17.97
C LEU A 212 -15.93 -28.75 -17.21
N ARG A 213 -15.02 -28.35 -16.34
CA ARG A 213 -14.24 -29.35 -15.61
CA ARG A 213 -14.17 -29.28 -15.58
C ARG A 213 -14.69 -29.54 -14.18
N GLY A 214 -15.37 -28.58 -13.57
CA GLY A 214 -15.79 -28.72 -12.20
C GLY A 214 -16.13 -27.36 -11.60
N LEU A 215 -16.30 -27.38 -10.29
CA LEU A 215 -16.61 -26.17 -9.53
C LEU A 215 -15.41 -25.73 -8.70
N HIS A 216 -15.43 -24.46 -8.31
CA HIS A 216 -14.32 -23.81 -7.60
C HIS A 216 -14.85 -22.98 -6.45
N MET A 217 -14.09 -22.95 -5.34
CA MET A 217 -14.36 -21.98 -4.28
CA MET A 217 -14.35 -21.96 -4.30
C MET A 217 -13.03 -21.59 -3.65
N HIS A 218 -13.05 -20.47 -2.93
CA HIS A 218 -11.92 -20.10 -2.09
C HIS A 218 -12.50 -19.46 -0.84
N VAL A 219 -12.17 -20.02 0.33
N VAL A 219 -12.22 -20.01 0.34
CA VAL A 219 -12.76 -19.66 1.63
CA VAL A 219 -12.87 -19.49 1.53
C VAL A 219 -12.21 -18.33 2.16
C VAL A 219 -12.23 -18.20 2.02
N GLY A 220 -10.91 -18.12 2.07
CA GLY A 220 -10.30 -16.93 2.64
C GLY A 220 -8.83 -17.18 2.92
N ASP A 221 -8.27 -16.29 3.74
CA ASP A 221 -6.85 -16.28 4.01
C ASP A 221 -6.61 -16.39 5.51
N GLN A 222 -5.57 -17.14 5.89
CA GLN A 222 -5.17 -17.27 7.31
C GLN A 222 -6.35 -17.76 8.16
N VAL A 223 -6.98 -18.82 7.68
CA VAL A 223 -8.19 -19.34 8.31
C VAL A 223 -7.82 -20.24 9.48
N PRO A 224 -8.24 -19.92 10.69
CA PRO A 224 -7.68 -20.59 11.88
C PRO A 224 -8.53 -21.71 12.45
N GLU A 225 -9.44 -22.25 11.64
CA GLU A 225 -10.15 -23.45 12.05
C GLU A 225 -10.46 -24.27 10.81
N SER A 226 -10.71 -25.57 11.01
N SER A 226 -10.71 -25.57 11.02
CA SER A 226 -11.00 -26.49 9.92
CA SER A 226 -11.00 -26.44 9.90
C SER A 226 -12.46 -26.51 9.53
C SER A 226 -12.46 -26.39 9.48
N GLU A 227 -13.36 -26.08 10.43
CA GLU A 227 -14.79 -26.10 10.14
C GLU A 227 -15.19 -25.30 8.90
N PRO A 228 -14.70 -24.08 8.68
CA PRO A 228 -15.09 -23.36 7.46
C PRO A 228 -14.73 -24.07 6.19
N PHE A 229 -13.59 -24.74 6.16
CA PHE A 229 -13.24 -25.49 4.96
C PHE A 229 -14.17 -26.68 4.79
N ALA A 230 -14.49 -27.37 5.90
CA ALA A 230 -15.35 -28.53 5.80
C ALA A 230 -16.74 -28.14 5.35
N LYS A 231 -17.32 -27.11 5.98
CA LYS A 231 -18.66 -26.64 5.61
C LYS A 231 -18.71 -26.18 4.16
N ALA A 232 -17.74 -25.37 3.73
CA ALA A 232 -17.76 -24.85 2.37
C ALA A 232 -17.49 -25.96 1.36
N THR A 233 -16.56 -26.89 1.69
CA THR A 233 -16.29 -27.99 0.76
C THR A 233 -17.52 -28.87 0.58
N LYS A 234 -18.27 -29.11 1.66
CA LYS A 234 -19.50 -29.90 1.55
C LYS A 234 -20.53 -29.23 0.64
N VAL A 235 -20.66 -27.90 0.71
CA VAL A 235 -21.58 -27.22 -0.20
C VAL A 235 -21.18 -27.47 -1.65
N LEU A 236 -19.88 -27.34 -1.94
CA LEU A 236 -19.37 -27.51 -3.29
C LEU A 236 -19.51 -28.97 -3.75
N VAL A 237 -19.22 -29.91 -2.85
CA VAL A 237 -19.36 -31.33 -3.15
C VAL A 237 -20.82 -31.71 -3.39
N ASP A 238 -21.72 -31.31 -2.49
CA ASP A 238 -23.14 -31.60 -2.69
C ASP A 238 -23.64 -31.08 -4.03
N GLU A 239 -23.21 -29.86 -4.42
CA GLU A 239 -23.70 -29.35 -5.70
C GLU A 239 -23.04 -30.06 -6.87
N SER A 240 -21.77 -30.45 -6.70
CA SER A 240 -21.11 -31.23 -7.74
C SER A 240 -21.84 -32.55 -7.96
N ARG A 241 -22.15 -33.27 -6.88
CA ARG A 241 -22.84 -34.55 -7.01
C ARG A 241 -24.20 -34.37 -7.70
N ARG A 242 -24.95 -33.36 -7.25
CA ARG A 242 -26.27 -33.09 -7.79
C ARG A 242 -26.20 -32.79 -9.28
N LEU A 243 -25.24 -31.96 -9.70
CA LEU A 243 -25.14 -31.58 -11.12
C LEU A 243 -24.68 -32.74 -11.99
N GLU A 244 -23.84 -33.64 -11.47
CA GLU A 244 -23.55 -34.85 -12.23
C GLU A 244 -24.82 -35.59 -12.58
N GLU A 245 -25.74 -35.70 -11.62
CA GLU A 245 -26.97 -36.45 -11.83
C GLU A 245 -27.91 -35.69 -12.76
N VAL A 246 -28.09 -34.39 -12.52
N VAL A 246 -28.11 -34.39 -12.49
CA VAL A 246 -29.10 -33.67 -13.31
CA VAL A 246 -29.03 -33.60 -13.28
C VAL A 246 -28.60 -33.36 -14.72
C VAL A 246 -28.57 -33.53 -14.73
N LEU A 247 -27.28 -33.24 -14.93
CA LEU A 247 -26.76 -32.97 -16.26
C LEU A 247 -26.23 -34.20 -16.96
N GLY A 248 -26.10 -35.32 -16.26
CA GLY A 248 -25.56 -36.54 -16.83
C GLY A 248 -24.12 -36.40 -17.28
N ILE A 249 -23.27 -35.86 -16.39
CA ILE A 249 -21.85 -35.67 -16.66
C ILE A 249 -21.05 -36.20 -15.48
N LYS A 250 -19.74 -36.34 -15.70
CA LYS A 250 -18.77 -36.75 -14.67
C LYS A 250 -17.73 -35.64 -14.64
N PHE A 251 -17.66 -34.88 -13.53
CA PHE A 251 -16.69 -33.79 -13.45
C PHE A 251 -15.26 -34.33 -13.40
N ASP A 252 -14.31 -33.61 -14.03
CA ASP A 252 -12.89 -33.95 -13.91
C ASP A 252 -12.35 -33.67 -12.51
N LEU A 253 -12.83 -32.61 -11.87
CA LEU A 253 -12.14 -32.10 -10.70
C LEU A 253 -13.07 -31.29 -9.80
N ILE A 254 -12.56 -30.96 -8.62
CA ILE A 254 -13.12 -29.90 -7.79
C ILE A 254 -11.94 -29.06 -7.28
N ASN A 255 -12.09 -27.75 -7.29
CA ASN A 255 -11.00 -26.84 -6.89
C ASN A 255 -11.43 -26.15 -5.61
N VAL A 256 -10.74 -26.44 -4.50
CA VAL A 256 -11.18 -25.94 -3.20
C VAL A 256 -10.39 -24.72 -2.74
N GLY A 257 -9.50 -24.17 -3.57
CA GLY A 257 -8.85 -22.89 -3.22
C GLY A 257 -7.72 -23.04 -2.21
N GLY A 258 -7.44 -21.90 -1.56
CA GLY A 258 -6.34 -21.77 -0.61
C GLY A 258 -6.76 -21.51 0.82
N GLY A 259 -5.88 -20.87 1.62
CA GLY A 259 -6.28 -20.49 2.96
C GLY A 259 -5.57 -21.18 4.08
N ILE A 260 -4.67 -22.11 3.79
CA ILE A 260 -3.92 -22.76 4.89
C ILE A 260 -3.17 -21.69 5.68
N PRO A 261 -3.32 -21.61 7.00
CA PRO A 261 -2.64 -20.54 7.74
C PRO A 261 -1.18 -20.88 8.01
N VAL A 262 -0.42 -19.83 8.34
CA VAL A 262 0.99 -19.97 8.76
C VAL A 262 1.11 -19.42 10.18
N PRO A 263 1.91 -20.01 11.05
CA PRO A 263 2.06 -19.45 12.40
C PRO A 263 2.85 -18.14 12.34
N TYR A 264 2.23 -17.06 12.84
CA TYR A 264 2.93 -15.79 13.05
C TYR A 264 3.26 -15.53 14.51
N LYS A 265 2.52 -16.13 15.44
CA LYS A 265 2.91 -16.26 16.84
C LYS A 265 2.95 -17.75 17.11
N TYR A 266 3.96 -18.19 17.88
CA TYR A 266 4.23 -19.61 17.97
C TYR A 266 3.78 -20.23 19.29
N ASP A 267 3.51 -19.42 20.31
CA ASP A 267 3.28 -19.96 21.67
C ASP A 267 1.80 -20.26 21.86
N ASP A 268 1.37 -21.33 21.16
CA ASP A 268 -0.04 -21.70 21.05
C ASP A 268 -0.69 -21.95 22.41
N GLU A 269 0.10 -22.28 23.44
CA GLU A 269 -0.44 -22.41 24.78
C GLU A 269 -0.96 -21.08 25.34
N ASN A 270 -0.46 -19.95 24.83
CA ASN A 270 -0.84 -18.62 25.32
C ASN A 270 -1.76 -17.88 24.37
N GLY A 271 -2.25 -18.53 23.32
CA GLY A 271 -3.00 -17.85 22.28
C GLY A 271 -4.29 -18.56 21.95
N ASP A 272 -5.25 -17.78 21.48
CA ASP A 272 -6.52 -18.32 20.99
C ASP A 272 -6.64 -17.99 19.52
N PRO A 273 -6.55 -18.97 18.61
CA PRO A 273 -6.62 -18.65 17.17
C PRO A 273 -7.92 -18.00 16.75
N LEU A 274 -8.99 -18.20 17.51
CA LEU A 274 -10.29 -17.64 17.18
C LEU A 274 -10.42 -16.18 17.61
N LYS A 275 -9.55 -15.71 18.50
CA LYS A 275 -9.46 -14.31 18.87
C LYS A 275 -8.28 -13.58 18.26
N ASP A 276 -7.21 -14.30 17.90
CA ASP A 276 -5.98 -13.71 17.35
C ASP A 276 -5.51 -14.66 16.25
N ASN A 277 -5.84 -14.37 15.00
CA ASN A 277 -5.46 -15.29 13.93
C ASN A 277 -3.98 -15.20 13.53
N MET A 278 -3.15 -14.47 14.28
CA MET A 278 -1.71 -14.67 14.14
C MET A 278 -1.28 -16.05 14.62
N TYR A 279 -2.07 -16.67 15.51
CA TYR A 279 -1.87 -18.07 15.86
C TYR A 279 -2.55 -18.89 14.79
N ALA A 280 -1.84 -19.90 14.25
CA ALA A 280 -2.34 -20.60 13.07
C ALA A 280 -3.59 -21.41 13.35
N GLY A 281 -3.64 -22.12 14.46
CA GLY A 281 -4.88 -22.82 14.74
C GLY A 281 -5.07 -24.17 14.08
N ILE A 282 -4.78 -24.30 12.78
CA ILE A 282 -4.77 -25.59 12.10
C ILE A 282 -3.49 -25.76 11.32
N THR A 283 -3.19 -27.01 10.95
CA THR A 283 -2.06 -27.38 10.12
C THR A 283 -2.51 -27.69 8.70
N ALA A 284 -1.53 -27.89 7.81
CA ALA A 284 -1.87 -28.41 6.48
C ALA A 284 -2.56 -29.76 6.57
N GLN A 285 -2.17 -30.61 7.53
CA GLN A 285 -2.84 -31.89 7.70
C GLN A 285 -4.32 -31.72 8.07
N ASP A 286 -4.64 -30.77 8.96
CA ASP A 286 -6.05 -30.50 9.31
C ASP A 286 -6.84 -30.01 8.11
N PHE A 287 -6.26 -29.10 7.31
CA PHE A 287 -6.89 -28.64 6.07
C PHE A 287 -7.18 -29.83 5.14
N ALA A 288 -6.19 -30.69 4.93
CA ALA A 288 -6.39 -31.81 4.02
C ALA A 288 -7.44 -32.76 4.55
N ASP A 289 -7.41 -33.06 5.86
CA ASP A 289 -8.38 -34.00 6.42
C ASP A 289 -9.79 -33.47 6.22
N ALA A 290 -9.98 -32.17 6.43
CA ALA A 290 -11.30 -31.59 6.25
C ALA A 290 -11.79 -31.66 4.79
N VAL A 291 -10.94 -31.26 3.85
CA VAL A 291 -11.28 -31.26 2.43
C VAL A 291 -11.51 -32.68 1.93
N ILE A 292 -10.53 -33.57 2.18
CA ILE A 292 -10.61 -34.92 1.63
C ILE A 292 -11.82 -35.64 2.17
N ARG A 293 -12.10 -35.50 3.46
CA ARG A 293 -13.26 -36.19 4.02
C ARG A 293 -14.54 -35.76 3.31
N GLU A 294 -14.67 -34.47 2.98
CA GLU A 294 -15.90 -34.05 2.32
C GLU A 294 -15.94 -34.55 0.88
N VAL A 295 -14.83 -34.48 0.16
CA VAL A 295 -14.83 -34.93 -1.23
C VAL A 295 -15.15 -36.42 -1.31
N HIS A 296 -14.59 -37.23 -0.40
CA HIS A 296 -14.79 -38.68 -0.48
C HIS A 296 -16.21 -39.13 -0.16
N LYS A 297 -17.06 -38.25 0.37
CA LYS A 297 -18.48 -38.58 0.47
C LYS A 297 -19.16 -38.57 -0.90
N TRP A 298 -18.44 -38.13 -1.93
CA TRP A 298 -18.94 -38.06 -3.29
C TRP A 298 -18.15 -38.98 -4.22
N ARG A 299 -16.85 -38.77 -4.35
CA ARG A 299 -15.99 -39.59 -5.21
C ARG A 299 -14.60 -39.64 -4.61
N THR A 300 -13.98 -40.83 -4.68
CA THR A 300 -12.59 -40.97 -4.29
C THR A 300 -11.62 -40.80 -5.45
N ASP A 301 -12.10 -40.85 -6.69
CA ASP A 301 -11.23 -40.76 -7.85
C ASP A 301 -11.11 -39.37 -8.45
N VAL A 302 -12.04 -38.46 -8.16
CA VAL A 302 -12.02 -37.15 -8.78
C VAL A 302 -10.75 -36.40 -8.37
N GLU A 303 -10.29 -35.50 -9.23
CA GLU A 303 -9.08 -34.75 -8.91
C GLU A 303 -9.45 -33.60 -7.98
N ILE A 304 -8.66 -33.40 -6.93
CA ILE A 304 -8.81 -32.25 -6.05
C ILE A 304 -7.70 -31.28 -6.42
N CYS A 305 -8.08 -30.05 -6.76
CA CYS A 305 -7.11 -28.97 -6.94
C CYS A 305 -7.13 -28.08 -5.70
N ILE A 306 -5.95 -27.69 -5.22
CA ILE A 306 -5.79 -26.74 -4.12
C ILE A 306 -4.92 -25.60 -4.61
N GLU A 307 -5.09 -24.43 -3.98
CA GLU A 307 -4.41 -23.19 -4.40
C GLU A 307 -3.73 -22.52 -3.21
N PRO A 308 -2.85 -23.21 -2.49
CA PRO A 308 -2.20 -22.56 -1.35
C PRO A 308 -1.28 -21.46 -1.83
N GLY A 309 -1.31 -20.32 -1.12
CA GLY A 309 -0.36 -19.23 -1.36
C GLY A 309 0.57 -19.02 -0.19
N ARG A 310 0.01 -18.40 0.86
CA ARG A 310 0.76 -18.05 2.06
C ARG A 310 1.60 -19.19 2.61
N LYS A 311 1.02 -20.40 2.72
CA LYS A 311 1.75 -21.51 3.32
C LYS A 311 3.01 -21.89 2.55
N VAL A 312 3.05 -21.62 1.23
CA VAL A 312 4.21 -22.01 0.45
C VAL A 312 5.44 -21.18 0.82
N THR A 313 5.28 -19.84 0.94
CA THR A 313 6.43 -18.96 1.14
C THR A 313 6.44 -18.20 2.46
N GLY A 314 5.35 -18.18 3.24
CA GLY A 314 5.28 -17.24 4.37
C GLY A 314 6.44 -17.36 5.35
N SER A 315 6.72 -18.57 5.81
CA SER A 315 7.80 -18.78 6.80
C SER A 315 9.18 -18.75 6.19
N ALA A 316 9.28 -18.51 4.88
CA ALA A 316 10.50 -18.77 4.15
C ALA A 316 11.28 -17.49 3.83
N ALA A 317 10.90 -16.35 4.39
CA ALA A 317 11.74 -15.16 4.23
C ALA A 317 11.89 -14.38 5.53
N VAL A 318 12.97 -13.60 5.60
N VAL A 318 12.94 -13.57 5.59
CA VAL A 318 13.19 -12.66 6.68
CA VAL A 318 13.16 -12.65 6.70
C VAL A 318 13.41 -11.29 6.06
C VAL A 318 13.48 -11.28 6.14
N LEU A 319 12.86 -10.25 6.70
CA LEU A 319 13.19 -8.87 6.34
C LEU A 319 14.35 -8.40 7.22
N LEU A 320 15.44 -7.96 6.59
CA LEU A 320 16.58 -7.41 7.33
C LEU A 320 16.63 -5.89 7.17
N THR A 321 16.68 -5.17 8.30
CA THR A 321 16.63 -3.71 8.32
C THR A 321 17.58 -3.14 9.38
N GLU A 322 18.35 -2.14 9.00
CA GLU A 322 19.36 -1.58 9.90
C GLU A 322 18.78 -0.53 10.83
N VAL A 323 19.14 -0.60 12.13
CA VAL A 323 18.85 0.49 13.05
C VAL A 323 19.65 1.70 12.60
N SER A 324 18.94 2.76 12.22
CA SER A 324 19.54 3.88 11.51
C SER A 324 19.50 5.19 12.30
N CYS A 325 18.72 5.25 13.37
CA CYS A 325 18.70 6.40 14.27
C CYS A 325 18.10 5.94 15.59
N GLU A 326 18.24 6.78 16.59
CA GLU A 326 17.67 6.52 17.90
CA GLU A 326 17.69 6.52 17.92
C GLU A 326 17.40 7.86 18.58
N LYS A 327 16.44 7.87 19.48
CA LYS A 327 16.19 9.06 20.30
C LYS A 327 15.39 8.64 21.51
N ARG A 328 15.49 9.44 22.57
CA ARG A 328 14.64 9.32 23.73
C ARG A 328 13.71 10.53 23.75
N LYS A 329 12.41 10.28 23.87
CA LYS A 329 11.46 11.37 24.04
CA LYS A 329 11.43 11.35 24.03
C LYS A 329 10.85 11.29 25.44
N THR A 330 10.62 12.45 26.03
CA THR A 330 10.20 12.48 27.43
C THR A 330 8.94 13.34 27.56
N ASN A 331 7.95 12.81 28.27
CA ASN A 331 6.74 13.54 28.59
CA ASN A 331 6.73 13.54 28.60
C ASN A 331 6.89 14.14 29.98
N TYR A 332 6.65 15.44 30.09
CA TYR A 332 6.71 16.14 31.36
C TYR A 332 5.31 16.62 31.75
N ASP A 333 5.07 16.72 33.05
CA ASP A 333 3.84 17.34 33.53
C ASP A 333 3.93 18.85 33.31
N LEU A 334 2.99 19.59 33.89
CA LEU A 334 2.97 21.03 33.69
C LEU A 334 3.97 21.78 34.58
N ASN A 335 4.64 21.09 35.51
CA ASN A 335 5.62 21.72 36.39
C ASN A 335 7.04 21.21 36.14
N GLY A 336 7.27 20.55 35.00
CA GLY A 336 8.60 20.14 34.61
C GLY A 336 9.10 18.84 35.19
N ASN A 337 8.22 18.01 35.72
CA ASN A 337 8.59 16.72 36.29
C ASN A 337 8.39 15.64 35.24
N VAL A 338 9.26 14.63 35.24
CA VAL A 338 9.15 13.56 34.25
C VAL A 338 7.96 12.68 34.56
N GLU A 339 7.18 12.33 33.52
CA GLU A 339 6.09 11.38 33.60
C GLU A 339 6.44 10.03 32.97
N CYS A 340 7.10 10.04 31.81
CA CYS A 340 7.58 8.80 31.21
C CYS A 340 8.63 9.14 30.15
N HIS A 341 9.48 8.16 29.87
CA HIS A 341 10.45 8.21 28.78
C HIS A 341 10.05 7.16 27.77
N VAL A 342 10.22 7.48 26.49
CA VAL A 342 10.01 6.51 25.42
C VAL A 342 11.31 6.42 24.63
N GLU A 343 11.86 5.20 24.53
CA GLU A 343 13.06 4.97 23.75
C GLU A 343 12.63 4.58 22.34
N TRP A 344 12.90 5.43 21.37
CA TRP A 344 12.59 5.14 19.96
C TRP A 344 13.83 4.61 19.25
N LYS A 345 13.66 3.51 18.52
CA LYS A 345 14.66 3.02 17.58
C LYS A 345 14.05 3.18 16.19
N PHE A 346 14.80 3.74 15.26
CA PHE A 346 14.35 3.92 13.88
C PHE A 346 15.10 2.93 13.00
N VAL A 347 14.37 2.15 12.21
CA VAL A 347 14.95 1.27 11.21
C VAL A 347 14.71 1.86 9.82
N ASP A 348 15.48 1.34 8.85
CA ASP A 348 15.40 1.85 7.48
C ASP A 348 14.32 1.22 6.63
N ALA A 349 13.43 0.43 7.23
CA ALA A 349 12.25 -0.08 6.56
C ALA A 349 11.01 0.42 7.29
N GLY A 350 10.03 0.91 6.52
CA GLY A 350 8.78 1.38 7.08
C GLY A 350 7.61 0.68 6.40
N TYR A 351 6.39 1.23 6.47
CA TYR A 351 5.29 0.46 5.89
C TYR A 351 5.33 0.38 4.37
N SER A 352 6.14 1.19 3.70
CA SER A 352 6.30 1.05 2.25
C SER A 352 7.09 -0.20 1.86
N VAL A 353 7.81 -0.85 2.76
N VAL A 353 7.80 -0.79 2.81
CA VAL A 353 8.47 -2.10 2.43
CA VAL A 353 8.57 -2.00 2.61
C VAL A 353 7.95 -3.29 3.23
C VAL A 353 7.85 -3.22 3.15
N LEU A 354 7.16 -3.07 4.29
CA LEU A 354 6.43 -4.15 4.98
C LEU A 354 4.98 -3.67 5.16
N SER A 355 4.19 -3.75 4.08
CA SER A 355 2.88 -3.11 4.02
CA SER A 355 2.91 -3.05 4.10
C SER A 355 1.93 -3.66 5.09
N ASP A 356 1.91 -4.98 5.25
CA ASP A 356 0.84 -5.57 6.06
C ASP A 356 1.00 -5.27 7.53
N SER A 357 2.22 -4.91 7.96
CA SER A 357 2.42 -4.54 9.37
C SER A 357 1.61 -3.32 9.73
N GLN A 358 1.31 -2.46 8.76
CA GLN A 358 0.51 -1.25 8.95
C GLN A 358 -0.93 -1.44 8.52
N HIS A 359 -1.16 -1.92 7.31
CA HIS A 359 -2.48 -1.84 6.71
C HIS A 359 -3.38 -2.99 7.15
N PHE A 360 -2.79 -4.11 7.61
CA PHE A 360 -3.60 -5.26 8.01
C PHE A 360 -3.22 -5.75 9.41
N ASP A 361 -2.62 -4.88 10.23
CA ASP A 361 -2.40 -5.17 11.63
C ASP A 361 -1.70 -6.52 11.80
N TRP A 362 -0.70 -6.77 10.96
CA TRP A 362 -0.05 -8.07 10.90
C TRP A 362 1.14 -8.08 11.85
N PHE A 363 1.23 -9.13 12.66
CA PHE A 363 2.33 -9.30 13.59
C PHE A 363 3.42 -10.15 12.94
N PHE A 364 4.67 -9.73 13.11
CA PHE A 364 5.83 -10.53 12.73
C PHE A 364 6.80 -10.48 13.91
N TYR A 365 7.43 -11.61 14.25
CA TYR A 365 8.45 -11.58 15.30
C TYR A 365 9.58 -10.62 14.92
N VAL A 366 10.00 -9.80 15.89
CA VAL A 366 11.08 -8.83 15.72
C VAL A 366 12.21 -9.16 16.69
N TYR A 367 13.42 -9.35 16.16
CA TYR A 367 14.59 -9.58 17.02
C TYR A 367 15.78 -8.76 16.54
N ASN A 368 16.76 -8.56 17.43
CA ASN A 368 18.01 -7.96 17.00
C ASN A 368 18.89 -9.07 16.44
N ALA A 369 18.97 -9.19 15.12
CA ALA A 369 19.77 -10.25 14.51
C ALA A 369 21.26 -10.12 14.84
N SER A 370 21.74 -8.90 15.09
CA SER A 370 23.13 -8.70 15.51
C SER A 370 23.38 -9.08 16.96
N ARG A 371 22.34 -9.26 17.76
CA ARG A 371 22.51 -9.58 19.19
C ARG A 371 21.50 -10.64 19.58
N MET A 372 21.49 -11.73 18.81
CA MET A 372 20.40 -12.69 18.91
C MET A 372 20.47 -13.49 20.20
N THR A 373 21.66 -13.62 20.77
CA THR A 373 21.87 -14.35 22.01
C THR A 373 21.78 -13.47 23.25
N ALA A 374 21.65 -12.15 23.09
CA ALA A 374 21.51 -11.23 24.20
C ALA A 374 20.06 -11.13 24.62
N ALA A 375 19.82 -10.97 25.92
CA ALA A 375 18.44 -10.87 26.40
C ALA A 375 17.75 -9.67 25.75
N HIS A 376 16.53 -9.88 25.24
CA HIS A 376 15.74 -8.77 24.72
C HIS A 376 14.96 -8.20 25.90
N ASP A 377 15.57 -7.24 26.59
CA ASP A 377 15.15 -6.84 27.93
C ASP A 377 14.76 -5.37 28.07
N ALA A 378 14.68 -4.60 26.99
CA ALA A 378 14.29 -3.20 27.06
C ALA A 378 13.05 -2.96 26.20
N TRP A 379 12.07 -2.26 26.77
CA TRP A 379 10.89 -1.84 26.01
C TRP A 379 11.23 -0.63 25.16
N ILE A 380 10.95 -0.74 23.85
CA ILE A 380 11.26 0.32 22.90
C ILE A 380 10.08 0.45 21.96
N LYS A 381 10.00 1.59 21.29
CA LYS A 381 9.11 1.74 20.13
C LYS A 381 9.94 1.79 18.86
N LEU A 382 9.44 1.10 17.83
CA LEU A 382 10.16 0.83 16.59
C LEU A 382 9.52 1.63 15.47
N ALA A 383 10.30 2.55 14.88
CA ALA A 383 9.76 3.44 13.86
C ALA A 383 10.43 3.18 12.52
N GLY A 384 9.69 3.47 11.44
CA GLY A 384 10.25 3.52 10.11
C GLY A 384 10.77 4.89 9.72
N PRO A 385 11.25 5.01 8.48
CA PRO A 385 11.88 6.25 7.98
C PRO A 385 10.95 7.18 7.24
N LEU A 386 9.68 6.81 7.04
CA LEU A 386 8.78 7.63 6.24
C LEU A 386 8.37 8.90 6.99
N CYS A 387 8.33 9.99 6.26
N CYS A 387 7.83 9.82 6.20
CA CYS A 387 8.03 11.29 6.84
CA CYS A 387 7.24 11.05 6.72
C CYS A 387 6.53 11.33 7.00
C CYS A 387 6.09 10.78 7.68
N ASP A 388 6.06 10.64 8.04
N ASP A 388 5.17 9.87 7.32
CA ASP A 388 4.65 10.35 8.27
CA ASP A 388 3.97 9.60 8.10
C ASP A 388 4.53 9.89 9.70
C ASP A 388 4.30 9.40 9.56
N GLY A 389 3.73 10.61 10.50
N GLY A 389 3.78 10.30 10.41
CA GLY A 389 3.53 10.26 11.89
CA GLY A 389 3.89 10.08 11.85
C GLY A 389 3.06 8.83 12.12
C GLY A 389 3.33 8.74 12.28
N GLY A 390 2.37 8.23 11.17
N GLY A 390 2.44 8.16 11.46
CA GLY A 390 1.86 6.90 11.38
CA GLY A 390 1.99 6.82 11.70
C GLY A 390 2.82 5.77 11.03
C GLY A 390 2.89 5.73 11.16
N ASP A 391 3.99 6.08 10.49
CA ASP A 391 4.95 5.06 10.06
C ASP A 391 5.82 4.65 11.25
N TYR A 392 5.21 3.83 12.11
CA TYR A 392 5.96 3.08 13.12
C TYR A 392 5.19 1.79 13.30
N PHE A 393 5.85 0.82 13.88
CA PHE A 393 5.28 -0.53 13.90
C PHE A 393 4.42 -0.63 15.16
N HIS A 394 3.12 -0.77 14.96
CA HIS A 394 2.15 -0.78 16.06
CA HIS A 394 2.19 -0.77 16.09
C HIS A 394 1.89 -2.15 16.64
N MET A 395 2.20 -3.24 15.91
CA MET A 395 1.89 -4.60 16.36
C MET A 395 3.04 -5.16 17.20
N GLY A 396 3.13 -4.65 18.43
CA GLY A 396 4.26 -4.92 19.31
C GLY A 396 4.09 -6.20 20.11
N VAL A 397 5.11 -6.47 20.94
CA VAL A 397 5.08 -7.56 21.90
C VAL A 397 4.06 -7.28 23.00
N LYS A 398 3.97 -6.01 23.42
CA LYS A 398 2.98 -5.58 24.41
C LYS A 398 2.43 -4.26 23.89
N GLY A 399 1.18 -4.26 23.43
CA GLY A 399 0.65 -3.04 22.85
C GLY A 399 1.53 -2.63 21.70
N GLU A 400 1.99 -1.38 21.71
CA GLU A 400 2.84 -0.89 20.63
C GLU A 400 4.33 -0.94 20.96
N GLU A 401 4.70 -1.65 22.02
CA GLU A 401 6.10 -1.70 22.46
C GLU A 401 6.71 -3.04 22.08
N PHE A 402 7.97 -2.99 21.68
CA PHE A 402 8.75 -4.17 21.31
C PHE A 402 9.84 -4.36 22.36
N LEU A 403 10.54 -5.48 22.27
CA LEU A 403 11.62 -5.80 23.21
C LEU A 403 12.91 -5.99 22.42
N LEU A 404 13.95 -5.24 22.76
CA LEU A 404 15.25 -5.40 22.15
C LEU A 404 16.26 -5.35 23.29
N PRO A 405 17.50 -5.81 23.06
CA PRO A 405 18.53 -5.69 24.11
C PRO A 405 18.74 -4.24 24.48
N LYS A 406 19.03 -4.01 25.76
CA LYS A 406 19.29 -2.66 26.23
C LYS A 406 20.45 -2.02 25.49
N GLU A 407 21.41 -2.83 25.05
CA GLU A 407 22.59 -2.29 24.40
C GLU A 407 22.46 -2.19 22.90
N THR A 408 21.28 -2.42 22.36
CA THR A 408 21.04 -2.16 20.94
C THR A 408 21.63 -0.80 20.57
N HIS A 409 22.36 -0.77 19.46
CA HIS A 409 23.06 0.40 18.96
CA HIS A 409 22.88 0.50 19.00
C HIS A 409 22.65 0.66 17.51
N VAL A 410 22.84 1.91 17.07
CA VAL A 410 22.68 2.23 15.67
C VAL A 410 23.72 1.42 14.90
N GLY A 411 23.30 0.80 13.80
CA GLY A 411 24.13 -0.12 13.05
C GLY A 411 23.77 -1.58 13.23
N ASP A 412 23.05 -1.92 14.30
CA ASP A 412 22.58 -3.28 14.46
C ASP A 412 21.55 -3.62 13.37
N ILE A 413 21.42 -4.92 13.09
CA ILE A 413 20.46 -5.41 12.10
C ILE A 413 19.26 -5.97 12.85
N VAL A 414 18.06 -5.52 12.49
CA VAL A 414 16.80 -6.04 13.01
C VAL A 414 16.23 -6.99 11.97
N ALA A 415 15.76 -8.15 12.42
CA ALA A 415 15.08 -9.12 11.56
C ALA A 415 13.61 -9.18 11.91
N PHE A 416 12.75 -9.14 10.87
CA PHE A 416 11.35 -9.54 11.00
C PHE A 416 11.21 -10.94 10.40
N LEU A 417 10.73 -11.89 11.19
CA LEU A 417 10.56 -13.27 10.72
C LEU A 417 9.23 -13.43 9.97
N ASP A 418 9.10 -14.57 9.27
CA ASP A 418 7.82 -14.97 8.63
C ASP A 418 7.37 -13.93 7.63
N ALA A 419 8.33 -13.42 6.87
CA ALA A 419 8.10 -12.27 6.02
C ALA A 419 8.05 -12.64 4.54
N GLY A 420 7.60 -13.87 4.22
CA GLY A 420 7.69 -14.32 2.85
C GLY A 420 6.41 -14.32 2.04
N ALA A 421 5.28 -13.94 2.63
CA ALA A 421 4.00 -13.94 1.92
C ALA A 421 3.44 -12.53 1.85
N TYR A 422 3.11 -12.08 0.64
CA TYR A 422 2.45 -10.80 0.42
C TYR A 422 3.31 -9.59 0.83
N THR A 423 4.64 -9.72 0.74
CA THR A 423 5.55 -8.65 1.18
C THR A 423 6.35 -8.01 0.07
N ILE A 424 6.38 -8.55 -1.15
CA ILE A 424 7.24 -7.96 -2.18
C ILE A 424 6.43 -7.08 -3.12
N GLU A 425 5.40 -7.64 -3.74
CA GLU A 425 4.64 -6.86 -4.73
C GLU A 425 3.83 -5.74 -4.09
N SER A 426 3.62 -5.81 -2.77
CA SER A 426 2.86 -4.81 -2.04
C SER A 426 3.69 -3.60 -1.61
N GLN A 427 4.98 -3.58 -1.97
CA GLN A 427 5.80 -2.42 -1.60
C GLN A 427 5.48 -1.21 -2.49
N THR A 428 5.82 -0.03 -2.00
CA THR A 428 5.61 1.22 -2.76
C THR A 428 6.89 2.03 -2.76
N VAL A 429 6.87 3.10 -3.56
CA VAL A 429 7.95 4.08 -3.56
C VAL A 429 7.53 5.37 -2.86
N PHE A 430 6.68 5.25 -1.83
CA PHE A 430 6.29 6.43 -1.06
C PHE A 430 7.54 7.13 -0.51
N ASN A 431 7.53 8.48 -0.54
CA ASN A 431 8.69 9.29 -0.17
C ASN A 431 9.88 9.06 -1.10
N ASN A 432 9.68 8.36 -2.22
N ASN A 432 9.67 8.36 -2.22
CA ASN A 432 10.79 8.00 -3.12
CA ASN A 432 10.74 7.94 -3.13
C ASN A 432 11.86 7.19 -2.39
C ASN A 432 11.83 7.15 -2.41
N ARG A 433 11.43 6.37 -1.42
CA ARG A 433 12.31 5.33 -0.92
C ARG A 433 12.15 4.10 -1.83
N PRO A 434 13.24 3.44 -2.23
CA PRO A 434 13.14 2.41 -3.25
C PRO A 434 12.51 1.14 -2.71
N ARG A 435 11.81 0.41 -3.59
CA ARG A 435 11.45 -0.96 -3.22
C ARG A 435 12.72 -1.81 -3.08
N THR A 436 12.63 -2.90 -2.29
CA THR A 436 13.86 -3.52 -1.80
C THR A 436 14.41 -4.56 -2.76
N GLY A 437 15.72 -4.80 -2.63
CA GLY A 437 16.28 -5.98 -3.20
C GLY A 437 15.79 -7.23 -2.49
N VAL A 438 16.03 -8.37 -3.11
CA VAL A 438 15.63 -9.68 -2.59
C VAL A 438 16.78 -10.63 -2.87
N VAL A 439 17.22 -11.35 -1.82
CA VAL A 439 18.29 -12.36 -1.88
C VAL A 439 17.67 -13.74 -1.69
N MET A 440 18.25 -14.74 -2.37
CA MET A 440 17.82 -16.15 -2.28
CA MET A 440 17.83 -16.14 -2.27
C MET A 440 18.96 -17.00 -1.73
N ILE A 441 18.64 -17.86 -0.77
CA ILE A 441 19.55 -18.91 -0.33
C ILE A 441 19.12 -20.18 -1.06
N ASP A 442 20.03 -20.76 -1.85
CA ASP A 442 19.68 -21.93 -2.65
C ASP A 442 19.80 -23.22 -1.83
N LYS A 443 19.63 -24.38 -2.48
CA LYS A 443 19.66 -25.65 -1.77
C LYS A 443 21.03 -25.99 -1.19
N ASN A 444 22.10 -25.42 -1.74
CA ASN A 444 23.46 -25.63 -1.25
C ASN A 444 23.84 -24.64 -0.15
N GLY A 445 22.96 -23.72 0.19
CA GLY A 445 23.25 -22.73 1.19
C GLY A 445 23.93 -21.50 0.65
N ASP A 446 24.01 -21.34 -0.66
CA ASP A 446 24.68 -20.19 -1.25
C ASP A 446 23.66 -19.08 -1.53
N THR A 447 24.15 -17.84 -1.53
CA THR A 447 23.27 -16.69 -1.72
C THR A 447 23.48 -16.03 -3.08
N ARG A 448 22.41 -15.41 -3.57
CA ARG A 448 22.48 -14.58 -4.75
C ARG A 448 21.33 -13.56 -4.70
N LEU A 449 21.58 -12.41 -5.31
CA LEU A 449 20.53 -11.43 -5.51
C LEU A 449 19.58 -11.91 -6.61
N ILE A 450 18.27 -11.91 -6.30
CA ILE A 450 17.27 -12.28 -7.30
C ILE A 450 16.35 -11.12 -7.68
N ARG A 451 16.45 -9.98 -6.99
CA ARG A 451 15.73 -8.76 -7.37
C ARG A 451 16.59 -7.61 -6.90
N ARG A 452 16.82 -6.65 -7.79
CA ARG A 452 17.60 -5.49 -7.41
C ARG A 452 16.74 -4.49 -6.63
N GLU A 453 17.39 -3.67 -5.80
CA GLU A 453 16.70 -2.51 -5.24
C GLU A 453 16.41 -1.52 -6.37
N ASP A 454 15.25 -0.86 -6.31
CA ASP A 454 14.97 0.15 -7.32
C ASP A 454 16.06 1.20 -7.27
N SER A 455 16.59 1.58 -8.43
CA SER A 455 17.54 2.67 -8.49
C SER A 455 16.82 4.03 -8.62
N TYR A 456 17.60 5.11 -8.47
CA TYR A 456 17.05 6.42 -8.76
C TYR A 456 16.55 6.47 -10.20
N GLU A 457 17.33 5.96 -11.14
N GLU A 457 17.35 5.94 -11.12
CA GLU A 457 16.82 5.82 -12.51
CA GLU A 457 17.06 5.97 -12.55
C GLU A 457 15.40 5.24 -12.51
C GLU A 457 15.82 5.13 -12.90
N ASP A 458 15.16 4.22 -11.68
N ASP A 458 15.69 3.93 -12.30
CA ASP A 458 13.85 3.57 -11.61
CA ASP A 458 14.47 3.16 -12.49
C ASP A 458 12.78 4.50 -11.06
C ASP A 458 13.24 3.98 -12.09
N MET A 459 13.16 5.53 -10.30
N MET A 459 13.35 4.70 -10.98
CA MET A 459 12.17 6.42 -9.72
CA MET A 459 12.18 5.40 -10.44
C MET A 459 11.55 7.34 -10.76
C MET A 459 11.75 6.56 -11.32
N VAL A 460 12.29 7.66 -11.83
N VAL A 460 12.72 7.30 -11.89
CA VAL A 460 11.89 8.66 -12.80
CA VAL A 460 12.35 8.41 -12.78
C VAL A 460 11.71 8.13 -14.21
C VAL A 460 12.02 7.97 -14.20
N LYS A 461 12.23 6.95 -14.56
N LYS A 461 12.33 6.73 -14.59
CA LYS A 461 12.19 6.56 -15.96
CA LYS A 461 12.21 6.38 -16.01
C LYS A 461 10.77 6.24 -16.44
C LYS A 461 10.77 6.20 -16.45
N TYR A 462 9.82 6.02 -15.52
CA TYR A 462 8.43 5.89 -15.94
C TYR A 462 7.84 7.24 -16.35
N ASP A 463 8.46 8.33 -15.91
CA ASP A 463 7.93 9.66 -16.13
C ASP A 463 8.42 10.20 -17.45
N ILE A 464 7.60 11.06 -18.06
CA ILE A 464 7.91 11.68 -19.33
C ILE A 464 8.05 13.17 -19.06
N TYR A 465 9.27 13.71 -19.22
CA TYR A 465 9.54 15.09 -18.87
C TYR A 465 10.80 15.54 -19.60
N LEU A 466 10.94 16.84 -19.78
CA LEU A 466 12.16 17.38 -20.36
C LEU A 466 13.19 17.56 -19.24
N ALA A 467 14.39 17.05 -19.46
CA ALA A 467 15.42 17.23 -18.45
C ALA A 467 15.79 18.70 -18.35
N ALA A 468 15.77 19.24 -17.14
CA ALA A 468 16.08 20.65 -16.96
C ALA A 468 17.56 20.90 -17.23
N ALA A 469 17.85 22.10 -17.73
CA ALA A 469 19.17 22.42 -18.26
C ALA A 469 20.03 23.23 -17.29
N MET B 1 -34.96 9.63 4.15
CA MET B 1 -34.11 8.50 4.51
C MET B 1 -33.07 8.21 3.43
N THR B 2 -33.15 7.02 2.82
CA THR B 2 -32.34 6.72 1.65
C THR B 2 -32.75 7.58 0.45
N ASP B 3 -34.03 7.94 0.34
CA ASP B 3 -34.44 8.83 -0.74
C ASP B 3 -33.82 10.20 -0.59
N SER B 4 -33.67 10.69 0.65
CA SER B 4 -33.03 11.97 0.92
C SER B 4 -31.52 11.91 0.65
N ILE B 5 -30.88 10.78 0.96
CA ILE B 5 -29.46 10.63 0.62
C ILE B 5 -29.29 10.68 -0.89
N MET B 6 -30.16 9.98 -1.63
CA MET B 6 -30.10 9.99 -3.09
C MET B 6 -30.34 11.38 -3.65
N GLN B 7 -31.35 12.08 -3.13
CA GLN B 7 -31.59 13.45 -3.57
C GLN B 7 -30.40 14.35 -3.27
N ASN B 8 -29.84 14.25 -2.06
CA ASN B 8 -28.65 15.04 -1.72
C ASN B 8 -27.48 14.73 -2.65
N TYR B 9 -27.25 13.44 -2.93
CA TYR B 9 -26.10 13.11 -3.75
C TYR B 9 -26.27 13.64 -5.17
N ASN B 10 -27.51 13.67 -5.67
CA ASN B 10 -27.73 14.18 -7.02
C ASN B 10 -27.67 15.70 -7.08
N GLN B 11 -28.03 16.40 -6.00
CA GLN B 11 -27.73 17.84 -5.91
C GLN B 11 -26.22 18.10 -6.00
N LEU B 12 -25.41 17.30 -5.30
CA LEU B 12 -23.96 17.43 -5.40
C LEU B 12 -23.49 17.13 -6.81
N ARG B 13 -24.05 16.12 -7.46
CA ARG B 13 -23.67 15.81 -8.84
C ARG B 13 -23.93 16.99 -9.75
N GLU B 14 -25.13 17.58 -9.66
CA GLU B 14 -25.44 18.77 -10.45
C GLU B 14 -24.51 19.95 -10.16
N GLN B 15 -24.07 20.11 -8.90
CA GLN B 15 -23.13 21.18 -8.58
CA GLN B 15 -23.12 21.17 -8.55
C GLN B 15 -21.76 20.94 -9.20
N VAL B 16 -21.36 19.66 -9.38
CA VAL B 16 -20.08 19.38 -10.02
C VAL B 16 -20.09 19.93 -11.45
N ILE B 17 -21.21 19.74 -12.16
CA ILE B 17 -21.26 20.13 -13.56
C ILE B 17 -21.87 21.51 -13.79
N ASN B 18 -22.33 22.20 -12.73
CA ASN B 18 -22.94 23.53 -12.85
C ASN B 18 -22.55 24.44 -11.68
N GLY B 19 -21.25 24.61 -11.46
N GLY B 19 -21.27 24.55 -11.39
CA GLY B 19 -20.77 25.60 -10.51
CA GLY B 19 -20.90 25.38 -10.26
C GLY B 19 -19.32 25.42 -10.10
C GLY B 19 -19.63 24.92 -9.58
N ASP B 20 -18.79 24.23 -10.33
CA ASP B 20 -17.45 23.86 -9.86
C ASP B 20 -16.40 24.39 -10.84
N ARG B 21 -15.42 25.13 -10.31
CA ARG B 21 -14.38 25.73 -11.16
C ARG B 21 -13.64 24.73 -12.03
N ARG B 22 -13.65 23.43 -11.68
CA ARG B 22 -12.84 22.43 -12.36
C ARG B 22 -13.57 21.74 -13.49
N PHE B 23 -14.90 21.66 -13.44
CA PHE B 23 -15.63 20.64 -14.19
C PHE B 23 -16.78 21.23 -15.00
N GLN B 24 -17.11 20.53 -16.08
CA GLN B 24 -18.21 20.86 -16.96
C GLN B 24 -18.85 19.54 -17.40
N HIS B 25 -19.89 19.63 -18.23
CA HIS B 25 -20.41 18.46 -18.92
C HIS B 25 -20.50 18.78 -20.41
N LYS B 26 -20.32 17.75 -21.24
CA LYS B 26 -20.48 17.92 -22.68
C LYS B 26 -20.85 16.57 -23.27
N ASP B 27 -21.89 16.53 -24.09
CA ASP B 27 -22.33 15.25 -24.66
C ASP B 27 -22.71 14.23 -23.56
N GLY B 28 -23.16 14.71 -22.41
CA GLY B 28 -23.49 13.82 -21.34
C GLY B 28 -22.31 13.35 -20.51
N HIS B 29 -21.10 13.81 -20.81
CA HIS B 29 -19.86 13.33 -20.18
C HIS B 29 -19.29 14.39 -19.26
N LEU B 30 -18.65 13.92 -18.18
CA LEU B 30 -17.90 14.81 -17.29
C LEU B 30 -16.68 15.35 -18.04
N CYS B 31 -16.44 16.65 -17.91
CA CYS B 31 -15.24 17.27 -18.46
C CYS B 31 -14.45 17.94 -17.33
N PHE B 32 -13.13 18.00 -17.52
CA PHE B 32 -12.17 18.55 -16.55
C PHE B 32 -11.38 19.60 -17.32
N GLU B 33 -11.51 20.87 -16.95
CA GLU B 33 -10.83 21.95 -17.68
C GLU B 33 -11.13 21.89 -19.19
N GLY B 34 -12.38 21.58 -19.55
CA GLY B 34 -12.78 21.49 -20.94
C GLY B 34 -12.46 20.18 -21.63
N VAL B 35 -11.80 19.24 -20.96
CA VAL B 35 -11.43 17.94 -21.55
C VAL B 35 -12.51 16.91 -21.20
N ASP B 36 -13.14 16.34 -22.23
CA ASP B 36 -14.13 15.27 -22.05
C ASP B 36 -13.43 14.03 -21.54
N LEU B 37 -13.78 13.61 -20.33
CA LEU B 37 -13.04 12.52 -19.68
C LEU B 37 -13.45 11.14 -20.20
N ASP B 38 -14.68 10.99 -20.70
CA ASP B 38 -15.03 9.75 -21.39
C ASP B 38 -14.16 9.59 -22.62
N ALA B 39 -14.06 10.66 -23.41
CA ALA B 39 -13.21 10.64 -24.60
C ALA B 39 -11.75 10.40 -24.23
N LEU B 40 -11.27 11.09 -23.18
CA LEU B 40 -9.88 10.87 -22.78
C LEU B 40 -9.62 9.41 -22.43
N ALA B 41 -10.56 8.76 -21.76
CA ALA B 41 -10.37 7.37 -21.34
C ALA B 41 -10.53 6.40 -22.50
N ARG B 42 -10.90 6.87 -23.69
CA ARG B 42 -10.80 6.04 -24.89
C ARG B 42 -9.46 6.17 -25.59
N GLN B 43 -8.71 7.24 -25.30
N GLN B 43 -8.67 7.20 -25.29
CA GLN B 43 -7.39 7.47 -25.89
CA GLN B 43 -7.36 7.35 -25.95
C GLN B 43 -6.32 6.69 -25.15
C GLN B 43 -6.19 6.91 -25.09
N TYR B 44 -6.43 6.63 -23.82
CA TYR B 44 -5.43 6.04 -22.95
C TYR B 44 -6.05 4.84 -22.22
N PRO B 45 -5.27 3.79 -21.99
CA PRO B 45 -5.82 2.60 -21.30
C PRO B 45 -6.11 2.90 -19.83
N THR B 46 -7.31 2.50 -19.39
CA THR B 46 -7.69 2.65 -17.99
C THR B 46 -7.11 1.51 -17.17
N PRO B 47 -6.97 1.69 -15.86
CA PRO B 47 -7.18 2.94 -15.13
C PRO B 47 -6.00 3.91 -15.25
N PHE B 48 -6.28 5.19 -15.17
CA PHE B 48 -5.20 6.18 -15.11
C PHE B 48 -5.67 7.42 -14.38
N TYR B 49 -4.70 8.20 -13.88
CA TYR B 49 -4.99 9.48 -13.24
C TYR B 49 -4.80 10.63 -14.23
N VAL B 50 -5.67 11.63 -14.16
N VAL B 50 -5.65 11.65 -14.09
CA VAL B 50 -5.48 12.86 -14.93
CA VAL B 50 -5.54 12.88 -14.88
C VAL B 50 -5.40 14.04 -13.99
C VAL B 50 -5.40 14.05 -13.93
N PHE B 51 -4.32 14.82 -14.10
CA PHE B 51 -4.07 16.00 -13.27
C PHE B 51 -4.39 17.24 -14.07
N SER B 52 -4.75 18.30 -13.35
CA SER B 52 -5.05 19.60 -13.96
C SER B 52 -4.00 20.62 -13.48
N GLU B 53 -3.15 21.09 -14.41
CA GLU B 53 -2.26 22.20 -14.06
C GLU B 53 -3.06 23.45 -13.68
N PRO B 54 -4.15 23.83 -14.38
CA PRO B 54 -4.97 24.95 -13.89
C PRO B 54 -5.41 24.83 -12.44
N GLU B 55 -5.83 23.66 -12.00
CA GLU B 55 -6.29 23.51 -10.62
C GLU B 55 -5.14 23.61 -9.62
N ILE B 56 -3.98 23.04 -9.96
CA ILE B 56 -2.79 23.22 -9.11
C ILE B 56 -2.50 24.71 -8.90
N ILE B 57 -2.56 25.47 -9.99
CA ILE B 57 -2.31 26.91 -9.92
C ILE B 57 -3.35 27.59 -9.03
N ARG B 58 -4.64 27.21 -9.15
CA ARG B 58 -5.66 27.79 -8.30
C ARG B 58 -5.39 27.50 -6.83
N ASN B 59 -4.98 26.26 -6.51
CA ASN B 59 -4.72 25.87 -5.12
C ASN B 59 -3.56 26.67 -4.56
N ILE B 60 -2.51 26.83 -5.37
CA ILE B 60 -1.35 27.60 -4.93
C ILE B 60 -1.72 29.06 -4.71
N HIS B 61 -2.56 29.62 -5.59
CA HIS B 61 -3.05 30.98 -5.39
C HIS B 61 -3.83 31.11 -4.08
N GLU B 62 -4.68 30.13 -3.75
CA GLU B 62 -5.38 30.21 -2.47
C GLU B 62 -4.41 30.26 -1.31
N ILE B 63 -3.40 29.39 -1.34
CA ILE B 63 -2.40 29.36 -0.27
C ILE B 63 -1.66 30.70 -0.18
N GLN B 64 -1.17 31.20 -1.31
CA GLN B 64 -0.35 32.40 -1.24
C GLN B 64 -1.18 33.64 -0.87
N GLN B 65 -2.38 33.74 -1.41
CA GLN B 65 -3.26 34.87 -1.06
C GLN B 65 -3.63 34.82 0.42
N ALA B 66 -3.76 33.62 0.99
CA ALA B 66 -4.06 33.52 2.43
C ALA B 66 -3.02 34.23 3.28
N PHE B 67 -1.76 34.25 2.82
CA PHE B 67 -0.65 34.84 3.56
C PHE B 67 -0.36 36.30 3.21
N ALA B 68 -1.31 36.99 2.56
CA ALA B 68 -1.04 38.34 2.10
C ALA B 68 -0.68 39.31 3.23
N ALA B 69 -1.17 39.06 4.44
CA ALA B 69 -0.90 39.98 5.55
C ALA B 69 0.53 39.86 6.09
N HIS B 70 1.27 38.85 5.62
CA HIS B 70 2.67 38.68 6.01
C HIS B 70 3.46 38.51 4.72
N LYS B 71 4.20 39.54 4.33
CA LYS B 71 4.87 39.55 3.03
CA LYS B 71 4.84 39.52 3.02
C LYS B 71 5.97 38.50 2.94
N ASN B 72 6.77 38.34 4.01
N ASN B 72 6.75 38.34 4.01
CA ASN B 72 7.91 37.43 3.96
CA ASN B 72 7.90 37.43 3.93
C ASN B 72 7.47 36.00 4.28
C ASN B 72 7.48 36.00 4.27
N THR B 73 6.74 35.39 3.33
CA THR B 73 6.28 33.99 3.45
C THR B 73 6.87 33.17 2.31
N LYS B 74 7.41 31.99 2.63
CA LYS B 74 8.00 31.11 1.62
C LYS B 74 7.27 29.77 1.67
N THR B 75 6.85 29.27 0.50
CA THR B 75 5.94 28.13 0.42
C THR B 75 6.69 26.97 -0.23
N PHE B 76 6.76 25.83 0.48
CA PHE B 76 7.46 24.63 0.01
C PHE B 76 6.43 23.51 -0.20
N PHE B 77 6.21 23.11 -1.44
CA PHE B 77 5.32 21.97 -1.68
C PHE B 77 5.93 20.69 -1.14
N ALA B 78 5.17 19.98 -0.29
CA ALA B 78 5.62 18.70 0.27
C ALA B 78 5.56 17.62 -0.80
N SER B 79 6.72 17.31 -1.38
N SER B 79 6.70 17.34 -1.42
CA SER B 79 6.78 16.48 -2.58
CA SER B 79 6.69 16.50 -2.62
C SER B 79 6.29 15.06 -2.35
C SER B 79 6.31 15.04 -2.37
N LYS B 80 6.30 14.58 -1.10
CA LYS B 80 5.77 13.24 -0.83
CA LYS B 80 5.74 13.27 -0.74
C LYS B 80 4.31 13.11 -1.23
N THR B 81 3.61 14.24 -1.44
CA THR B 81 2.20 14.24 -1.85
C THR B 81 2.06 13.73 -3.29
N CYS B 82 3.02 14.06 -4.14
CA CYS B 82 3.04 13.66 -5.53
C CYS B 82 4.34 14.15 -6.15
N SER B 83 5.17 13.24 -6.63
CA SER B 83 6.45 13.67 -7.20
C SER B 83 6.62 13.22 -8.64
N VAL B 84 5.50 12.96 -9.35
CA VAL B 84 5.64 12.71 -10.79
C VAL B 84 6.30 13.94 -11.39
N MET B 85 7.27 13.74 -12.29
CA MET B 85 8.12 14.88 -12.67
C MET B 85 7.31 16.01 -13.31
N GLY B 86 6.31 15.68 -14.13
CA GLY B 86 5.48 16.74 -14.72
C GLY B 86 4.61 17.48 -13.72
N VAL B 87 4.27 16.83 -12.62
CA VAL B 87 3.54 17.51 -11.55
C VAL B 87 4.50 18.46 -10.81
N LEU B 88 5.70 17.98 -10.45
CA LEU B 88 6.70 18.88 -9.85
C LEU B 88 6.99 20.07 -10.76
N LYS B 89 7.04 19.83 -12.08
CA LYS B 89 7.34 20.91 -13.02
C LYS B 89 6.23 21.97 -13.01
N ALA B 90 4.97 21.52 -12.96
CA ALA B 90 3.85 22.47 -12.89
C ALA B 90 3.94 23.29 -11.62
N ILE B 91 4.35 22.66 -10.53
CA ILE B 91 4.45 23.37 -9.26
C ILE B 91 5.61 24.36 -9.28
N ARG B 92 6.77 23.95 -9.83
CA ARG B 92 7.90 24.86 -10.00
C ARG B 92 7.52 26.05 -10.87
N ASP B 93 6.83 25.78 -11.98
CA ASP B 93 6.48 26.84 -12.92
C ASP B 93 5.41 27.75 -12.34
N ALA B 94 4.72 27.31 -11.30
CA ALA B 94 3.75 28.15 -10.59
C ALA B 94 4.44 29.07 -9.58
N GLY B 95 5.72 28.89 -9.35
CA GLY B 95 6.50 29.91 -8.64
C GLY B 95 6.82 29.62 -7.19
N ILE B 96 6.55 28.40 -6.69
CA ILE B 96 6.84 28.10 -5.29
C ILE B 96 8.02 27.15 -5.17
N CYS B 97 8.33 26.75 -3.93
CA CYS B 97 9.51 25.94 -3.60
C CYS B 97 9.12 24.49 -3.29
N ALA B 98 10.08 23.69 -2.83
CA ALA B 98 9.84 22.25 -2.65
C ALA B 98 10.41 21.73 -1.33
N GLU B 99 9.67 20.82 -0.73
CA GLU B 99 10.09 20.08 0.43
C GLU B 99 10.26 18.62 0.02
N ALA B 100 11.31 17.99 0.54
CA ALA B 100 11.69 16.64 0.16
C ALA B 100 11.89 15.79 1.41
N ASN B 101 11.69 14.49 1.23
N ASN B 101 11.63 14.48 1.33
CA ASN B 101 11.54 13.52 2.31
CA ASN B 101 11.74 13.62 2.51
C ASN B 101 12.45 12.32 2.09
C ASN B 101 12.75 12.50 2.36
N SER B 102 13.50 12.47 1.26
CA SER B 102 14.47 11.41 1.04
C SER B 102 15.52 11.96 0.11
N GLN B 103 16.68 11.27 0.06
CA GLN B 103 17.73 11.66 -0.87
C GLN B 103 17.20 11.69 -2.31
N TYR B 104 16.43 10.68 -2.73
CA TYR B 104 15.97 10.66 -4.12
C TYR B 104 14.94 11.77 -4.38
N GLU B 105 14.12 12.14 -3.39
CA GLU B 105 13.25 13.32 -3.56
C GLU B 105 14.07 14.60 -3.74
N VAL B 106 15.15 14.77 -2.97
CA VAL B 106 15.97 15.95 -3.15
C VAL B 106 16.50 15.97 -4.57
N ARG B 107 16.99 14.82 -5.03
CA ARG B 107 17.61 14.76 -6.36
C ARG B 107 16.58 15.05 -7.44
N LYS B 108 15.38 14.47 -7.32
CA LYS B 108 14.30 14.77 -8.28
C LYS B 108 14.00 16.25 -8.35
N CYS B 109 13.90 16.88 -7.18
CA CYS B 109 13.60 18.31 -7.14
C CYS B 109 14.69 19.13 -7.80
N LEU B 110 15.95 18.80 -7.53
CA LEU B 110 17.05 19.48 -8.21
C LEU B 110 17.00 19.22 -9.72
N GLU B 111 16.72 17.98 -10.11
N GLU B 111 16.70 17.99 -10.13
CA GLU B 111 16.66 17.64 -11.53
CA GLU B 111 16.70 17.66 -11.55
C GLU B 111 15.61 18.46 -12.26
C GLU B 111 15.53 18.29 -12.33
N ILE B 112 14.42 18.62 -11.67
CA ILE B 112 13.30 19.26 -12.37
C ILE B 112 13.47 20.77 -12.37
N GLY B 113 14.46 21.29 -11.66
CA GLY B 113 14.82 22.71 -11.74
C GLY B 113 14.67 23.53 -10.48
N PHE B 114 14.23 22.97 -9.35
CA PHE B 114 14.32 23.72 -8.09
C PHE B 114 15.79 23.92 -7.71
N ARG B 115 16.18 25.15 -7.39
CA ARG B 115 17.52 25.39 -6.91
CA ARG B 115 17.52 25.40 -6.91
C ARG B 115 17.67 24.87 -5.47
N GLY B 116 18.92 24.69 -5.04
CA GLY B 116 19.13 24.23 -3.66
C GLY B 116 18.49 25.15 -2.65
N ASP B 117 18.54 26.48 -2.91
CA ASP B 117 17.93 27.43 -2.00
C ASP B 117 16.40 27.43 -2.05
N GLN B 118 15.80 26.54 -2.84
CA GLN B 118 14.36 26.35 -2.89
C GLN B 118 13.94 25.01 -2.31
N ILE B 119 14.83 24.30 -1.62
CA ILE B 119 14.55 22.95 -1.13
C ILE B 119 14.76 22.85 0.38
N VAL B 120 13.79 22.23 1.07
CA VAL B 120 13.87 21.87 2.48
C VAL B 120 13.89 20.34 2.52
N PHE B 121 14.81 19.76 3.29
CA PHE B 121 14.91 18.31 3.44
C PHE B 121 14.52 17.95 4.87
N ASN B 122 13.43 17.20 5.01
CA ASN B 122 12.93 16.72 6.29
C ASN B 122 13.08 15.21 6.39
N GLY B 123 13.17 14.73 7.62
CA GLY B 123 13.13 13.29 7.80
C GLY B 123 13.60 12.86 9.17
N VAL B 124 13.13 11.71 9.61
CA VAL B 124 13.56 11.12 10.88
C VAL B 124 14.76 10.20 10.70
N VAL B 125 15.04 9.75 9.48
CA VAL B 125 16.20 8.92 9.17
C VAL B 125 16.91 9.57 8.01
N LYS B 126 17.93 10.39 8.30
CA LYS B 126 18.79 10.97 7.27
C LYS B 126 20.18 10.37 7.50
N LYS B 127 20.51 9.34 6.72
CA LYS B 127 21.79 8.65 6.87
C LYS B 127 22.93 9.55 6.43
N PRO B 128 24.16 9.23 6.80
CA PRO B 128 25.30 10.04 6.34
C PRO B 128 25.31 10.32 4.84
N ALA B 129 25.00 9.32 4.00
CA ALA B 129 25.01 9.55 2.57
C ALA B 129 23.94 10.56 2.17
N ASP B 130 22.78 10.49 2.82
CA ASP B 130 21.71 11.45 2.56
C ASP B 130 22.14 12.85 2.96
N LEU B 131 22.77 12.97 4.13
CA LEU B 131 23.18 14.28 4.63
C LEU B 131 24.28 14.87 3.76
N GLU B 132 25.23 14.05 3.35
CA GLU B 132 26.31 14.54 2.50
C GLU B 132 25.76 15.09 1.20
N TYR B 133 24.80 14.37 0.60
CA TYR B 133 24.20 14.84 -0.64
C TYR B 133 23.50 16.17 -0.45
N ALA B 134 22.74 16.31 0.64
CA ALA B 134 22.02 17.56 0.90
C ALA B 134 23.00 18.72 1.14
N ILE B 135 24.00 18.51 2.00
CA ILE B 135 24.92 19.59 2.31
C ILE B 135 25.69 20.00 1.07
N ALA B 136 26.11 19.03 0.26
CA ALA B 136 26.87 19.33 -0.95
C ALA B 136 26.06 20.16 -1.94
N ASN B 137 24.73 20.08 -1.86
CA ASN B 137 23.84 20.77 -2.77
C ASN B 137 23.27 22.09 -2.23
N ASP B 138 23.79 22.55 -1.08
CA ASP B 138 23.47 23.89 -0.55
CA ASP B 138 23.47 23.87 -0.54
C ASP B 138 21.96 24.06 -0.34
N LEU B 139 21.34 23.09 0.32
CA LEU B 139 19.90 23.15 0.53
C LEU B 139 19.54 24.31 1.46
N TYR B 140 18.39 24.92 1.20
CA TYR B 140 17.91 26.01 2.05
C TYR B 140 17.77 25.58 3.51
N LEU B 141 17.18 24.41 3.76
CA LEU B 141 17.08 23.85 5.10
C LEU B 141 17.24 22.35 5.07
N ILE B 142 17.92 21.82 6.08
CA ILE B 142 17.83 20.45 6.49
C ILE B 142 17.26 20.53 7.88
N ASN B 143 16.13 19.88 8.13
N ASN B 143 16.13 19.87 8.12
CA ASN B 143 15.67 19.93 9.50
CA ASN B 143 15.65 19.91 9.50
C ASN B 143 16.54 19.04 10.38
C ASN B 143 16.52 19.03 10.38
N VAL B 144 16.48 19.31 11.66
CA VAL B 144 17.21 18.52 12.65
C VAL B 144 16.12 17.84 13.45
N ASP B 145 16.08 16.50 13.35
CA ASP B 145 15.05 15.71 13.97
C ASP B 145 15.51 15.00 15.23
N SER B 146 16.81 14.80 15.40
CA SER B 146 17.33 14.12 16.59
C SER B 146 18.74 14.62 16.88
N LEU B 147 19.17 14.41 18.12
CA LEU B 147 20.56 14.74 18.48
C LEU B 147 21.54 13.83 17.76
N TYR B 148 21.15 12.57 17.53
CA TYR B 148 22.03 11.63 16.83
C TYR B 148 22.33 12.16 15.43
N GLU B 149 21.27 12.51 14.68
CA GLU B 149 21.49 13.02 13.34
CA GLU B 149 21.43 13.06 13.34
C GLU B 149 22.29 14.31 13.35
N LEU B 150 22.12 15.18 14.37
CA LEU B 150 22.90 16.41 14.43
C LEU B 150 24.40 16.15 14.51
N GLU B 151 24.82 15.10 15.22
CA GLU B 151 26.25 14.79 15.26
CA GLU B 151 26.26 14.75 15.27
C GLU B 151 26.80 14.47 13.87
N HIS B 152 26.02 13.77 13.03
CA HIS B 152 26.44 13.57 11.64
C HIS B 152 26.51 14.88 10.86
N ILE B 153 25.52 15.77 11.04
CA ILE B 153 25.56 17.05 10.33
C ILE B 153 26.82 17.84 10.69
N ASP B 154 27.18 17.87 11.98
CA ASP B 154 28.41 18.56 12.39
C ASP B 154 29.62 17.92 11.70
N ALA B 155 29.73 16.59 11.76
CA ALA B 155 30.93 15.93 11.24
C ALA B 155 31.03 16.09 9.72
N ILE B 156 29.92 15.91 9.01
CA ILE B 156 29.97 15.95 7.56
C ILE B 156 30.19 17.36 7.05
N SER B 157 29.52 18.34 7.65
CA SER B 157 29.76 19.73 7.23
C SER B 157 31.23 20.13 7.43
N ARG B 158 31.86 19.71 8.54
CA ARG B 158 33.29 19.94 8.72
C ARG B 158 34.11 19.26 7.63
N LYS B 159 33.77 18.02 7.27
CA LYS B 159 34.56 17.33 6.25
C LYS B 159 34.44 18.01 4.90
N LEU B 160 33.24 18.44 4.53
CA LEU B 160 33.04 19.10 3.25
C LEU B 160 33.47 20.55 3.26
N LYS B 161 33.71 21.14 4.44
CA LYS B 161 33.95 22.57 4.56
C LYS B 161 32.85 23.35 3.83
N LYS B 162 31.62 22.94 4.05
CA LYS B 162 30.46 23.60 3.49
CA LYS B 162 30.45 23.58 3.48
C LYS B 162 29.40 23.75 4.56
N VAL B 163 28.78 24.93 4.58
CA VAL B 163 27.79 25.26 5.61
C VAL B 163 26.49 24.51 5.36
N ALA B 164 26.01 23.82 6.41
CA ALA B 164 24.71 23.17 6.42
C ALA B 164 23.71 24.10 7.11
N ASN B 165 22.61 24.42 6.44
CA ASN B 165 21.60 25.32 6.98
C ASN B 165 20.50 24.49 7.62
N VAL B 166 20.22 24.73 8.91
CA VAL B 166 19.28 23.86 9.63
C VAL B 166 18.15 24.61 10.32
N CYS B 167 17.05 23.90 10.49
CA CYS B 167 16.05 24.23 11.47
CA CYS B 167 15.99 24.20 11.44
C CYS B 167 15.96 23.07 12.46
N VAL B 168 15.65 23.40 13.70
CA VAL B 168 15.50 22.39 14.75
C VAL B 168 14.03 22.06 14.85
N ARG B 169 13.66 20.80 14.60
CA ARG B 169 12.25 20.44 14.67
C ARG B 169 11.88 20.15 16.13
N VAL B 170 10.85 20.81 16.61
CA VAL B 170 10.39 20.65 17.97
C VAL B 170 8.97 20.16 17.87
N GLU B 171 8.61 19.19 18.68
CA GLU B 171 7.19 18.85 18.60
C GLU B 171 6.52 19.28 19.90
N PRO B 172 5.62 20.27 19.84
N PRO B 172 5.62 20.27 19.85
CA PRO B 172 4.99 20.76 21.08
CA PRO B 172 5.00 20.76 21.08
C PRO B 172 4.00 19.74 21.62
C PRO B 172 3.99 19.75 21.62
N ASN B 173 3.88 19.72 22.95
CA ASN B 173 2.96 18.80 23.62
C ASN B 173 1.58 19.48 23.73
N VAL B 174 0.89 19.55 22.58
CA VAL B 174 -0.46 20.11 22.52
C VAL B 174 -1.54 19.01 22.46
N VAL B 183 -0.71 11.51 23.79
CA VAL B 183 0.63 11.65 24.36
C VAL B 183 1.68 11.88 23.26
N THR B 184 2.48 12.94 23.38
CA THR B 184 3.41 13.29 22.31
C THR B 184 4.58 12.32 22.23
N ALA B 185 5.25 12.06 23.36
CA ALA B 185 6.43 11.19 23.31
C ALA B 185 6.09 9.77 22.91
N PHE B 186 4.90 9.29 23.27
CA PHE B 186 4.49 7.92 22.97
C PHE B 186 3.85 7.77 21.60
N HIS B 187 3.26 8.84 21.05
CA HIS B 187 2.59 8.75 19.76
C HIS B 187 3.29 9.51 18.64
N ALA B 188 4.26 10.36 18.95
CA ALA B 188 4.96 11.15 17.94
C ALA B 188 6.44 10.78 17.88
N LYS B 189 6.84 10.14 16.78
CA LYS B 189 8.23 9.76 16.58
C LYS B 189 9.14 10.93 16.20
N SER B 190 8.59 12.04 15.68
CA SER B 190 9.37 13.08 15.04
C SER B 190 9.69 14.20 16.02
N GLY B 191 10.78 14.90 15.71
CA GLY B 191 11.15 16.11 16.43
C GLY B 191 11.84 15.85 17.75
N LEU B 192 12.39 16.93 18.27
CA LEU B 192 12.94 16.96 19.62
C LEU B 192 11.87 17.44 20.60
N ASP B 193 12.10 17.16 21.89
CA ASP B 193 11.25 17.75 22.90
C ASP B 193 11.56 19.25 23.00
N LEU B 194 10.52 20.04 23.31
CA LEU B 194 10.70 21.48 23.54
C LEU B 194 11.81 21.74 24.52
N GLU B 195 11.88 20.92 25.58
CA GLU B 195 12.89 21.05 26.62
C GLU B 195 14.31 20.96 26.07
N GLN B 196 14.50 20.36 24.90
CA GLN B 196 15.83 20.17 24.32
C GLN B 196 16.24 21.28 23.37
N ALA B 197 15.34 22.23 23.09
CA ALA B 197 15.63 23.20 22.02
C ALA B 197 16.76 24.15 22.39
N GLU B 198 16.80 24.63 23.64
CA GLU B 198 17.79 25.64 24.00
C GLU B 198 19.21 25.10 23.83
N GLU B 199 19.49 23.95 24.44
CA GLU B 199 20.85 23.44 24.41
C GLU B 199 21.24 23.04 23.00
N THR B 200 20.30 22.49 22.24
CA THR B 200 20.58 22.13 20.85
C THR B 200 20.93 23.35 20.03
N CYS B 201 20.16 24.43 20.16
CA CYS B 201 20.49 25.67 19.46
C CYS B 201 21.83 26.21 19.90
N ARG B 202 22.13 26.17 21.20
CA ARG B 202 23.41 26.66 21.69
CA ARG B 202 23.42 26.65 21.70
C ARG B 202 24.55 25.90 21.01
N ARG B 203 24.44 24.57 20.93
CA ARG B 203 25.50 23.75 20.32
CA ARG B 203 25.53 23.81 20.33
C ARG B 203 25.64 24.06 18.84
N ILE B 204 24.51 24.22 18.14
CA ILE B 204 24.58 24.53 16.72
C ILE B 204 25.32 25.84 16.47
N LEU B 205 25.05 26.87 17.28
CA LEU B 205 25.75 28.14 17.12
C LEU B 205 27.26 27.93 17.17
N ALA B 206 27.74 27.04 18.03
CA ALA B 206 29.17 26.82 18.15
C ALA B 206 29.78 25.95 17.05
N MET B 207 28.97 25.24 16.27
CA MET B 207 29.49 24.42 15.17
C MET B 207 29.97 25.31 14.03
N PRO B 208 31.16 25.05 13.46
CA PRO B 208 31.72 26.01 12.49
C PRO B 208 31.03 25.99 11.14
N TYR B 209 30.46 24.86 10.71
CA TYR B 209 29.85 24.77 9.40
CA TYR B 209 29.85 24.75 9.40
C TYR B 209 28.37 24.41 9.48
N VAL B 210 27.72 24.78 10.59
CA VAL B 210 26.27 24.63 10.71
C VAL B 210 25.66 26.00 11.05
N HIS B 211 24.68 26.42 10.27
CA HIS B 211 24.01 27.69 10.49
C HIS B 211 22.57 27.42 10.93
N LEU B 212 22.18 27.96 12.08
CA LEU B 212 20.83 27.78 12.63
C LEU B 212 19.89 28.85 12.09
N ARG B 213 18.86 28.43 11.35
CA ARG B 213 17.93 29.39 10.75
C ARG B 213 16.69 29.64 11.60
N GLY B 214 16.27 28.70 12.44
CA GLY B 214 15.01 28.83 13.15
C GLY B 214 14.50 27.48 13.62
N LEU B 215 13.27 27.48 14.12
CA LEU B 215 12.61 26.27 14.57
C LEU B 215 11.56 25.78 13.56
N HIS B 216 11.20 24.52 13.71
CA HIS B 216 10.28 23.84 12.78
C HIS B 216 9.30 23.00 13.57
N MET B 217 8.06 22.94 13.07
CA MET B 217 7.08 21.99 13.57
CA MET B 217 7.10 21.96 13.56
C MET B 217 6.21 21.56 12.40
N HIS B 218 5.52 20.44 12.58
CA HIS B 218 4.48 20.04 11.61
C HIS B 218 3.38 19.36 12.41
N VAL B 219 2.15 19.88 12.32
CA VAL B 219 1.07 19.48 13.23
C VAL B 219 0.45 18.15 12.79
N GLY B 220 0.29 17.92 11.49
CA GLY B 220 -0.46 16.76 11.04
C GLY B 220 -1.01 16.99 9.64
N ASP B 221 -1.88 16.07 9.22
CA ASP B 221 -2.42 16.04 7.87
C ASP B 221 -3.95 16.12 7.95
N GLN B 222 -4.56 16.90 7.06
CA GLN B 222 -6.02 17.03 6.97
C GLN B 222 -6.61 17.44 8.32
N VAL B 223 -6.09 18.54 8.86
CA VAL B 223 -6.44 18.99 10.20
C VAL B 223 -7.71 19.82 10.12
N PRO B 224 -8.79 19.45 10.82
CA PRO B 224 -10.09 20.09 10.55
C PRO B 224 -10.42 21.25 11.47
N GLU B 225 -9.40 21.83 12.12
CA GLU B 225 -9.62 22.89 13.08
CA GLU B 225 -9.60 22.87 13.11
C GLU B 225 -8.39 23.79 13.09
N SER B 226 -8.60 25.05 13.48
N SER B 226 -8.60 25.06 13.48
CA SER B 226 -7.52 26.04 13.48
CA SER B 226 -7.48 25.99 13.47
C SER B 226 -6.76 26.08 14.80
C SER B 226 -6.73 26.04 14.80
N GLU B 227 -7.42 25.71 15.91
CA GLU B 227 -6.78 25.73 17.22
C GLU B 227 -5.48 24.94 17.32
N PRO B 228 -5.35 23.74 16.75
CA PRO B 228 -4.04 23.07 16.83
C PRO B 228 -2.91 23.86 16.18
N PHE B 229 -3.20 24.57 15.09
CA PHE B 229 -2.13 25.37 14.49
C PHE B 229 -1.81 26.59 15.35
N ALA B 230 -2.83 27.25 15.91
CA ALA B 230 -2.58 28.44 16.71
C ALA B 230 -1.77 28.09 17.95
N LYS B 231 -2.14 27.00 18.62
CA LYS B 231 -1.48 26.64 19.88
C LYS B 231 -0.05 26.18 19.63
N ALA B 232 0.14 25.35 18.61
CA ALA B 232 1.49 24.88 18.29
C ALA B 232 2.37 26.02 17.81
N THR B 233 1.83 26.89 16.95
CA THR B 233 2.58 28.07 16.52
C THR B 233 2.98 28.94 17.71
N LYS B 234 2.08 29.16 18.67
CA LYS B 234 2.43 29.96 19.84
C LYS B 234 3.59 29.34 20.62
N VAL B 235 3.60 28.01 20.75
CA VAL B 235 4.69 27.36 21.47
C VAL B 235 6.00 27.65 20.77
N LEU B 236 6.00 27.55 19.44
CA LEU B 236 7.21 27.78 18.65
C LEU B 236 7.62 29.25 18.69
N VAL B 237 6.64 30.17 18.68
CA VAL B 237 6.97 31.60 18.71
C VAL B 237 7.52 32.00 20.07
N ASP B 238 6.87 31.56 21.15
CA ASP B 238 7.38 31.87 22.49
C ASP B 238 8.80 31.35 22.65
N GLU B 239 9.09 30.13 22.14
CA GLU B 239 10.46 29.63 22.33
C GLU B 239 11.45 30.35 21.42
N SER B 240 11.04 30.69 20.21
CA SER B 240 11.88 31.51 19.34
C SER B 240 12.21 32.83 19.99
N ARG B 241 11.19 33.53 20.52
CA ARG B 241 11.44 34.80 21.17
C ARG B 241 12.43 34.63 22.31
N ARG B 242 12.21 33.61 23.13
CA ARG B 242 13.07 33.40 24.30
C ARG B 242 14.51 33.10 23.89
N LEU B 243 14.68 32.22 22.90
CA LEU B 243 16.04 31.86 22.50
C LEU B 243 16.78 33.03 21.84
N GLU B 244 16.07 33.92 21.13
CA GLU B 244 16.73 35.11 20.60
C GLU B 244 17.32 35.94 21.72
N GLU B 245 16.58 36.05 22.83
CA GLU B 245 17.07 36.82 23.98
C GLU B 245 18.21 36.10 24.67
N VAL B 246 18.05 34.80 24.89
CA VAL B 246 19.02 34.05 25.68
C VAL B 246 20.35 33.96 24.93
N LEU B 247 20.28 33.66 23.63
CA LEU B 247 21.44 33.37 22.81
C LEU B 247 21.99 34.61 22.10
N GLY B 248 21.28 35.72 22.10
CA GLY B 248 21.73 36.92 21.43
C GLY B 248 21.76 36.86 19.92
N ILE B 249 20.70 36.31 19.32
CA ILE B 249 20.62 36.09 17.88
C ILE B 249 19.26 36.60 17.40
N LYS B 250 19.13 36.68 16.06
CA LYS B 250 17.87 36.98 15.40
C LYS B 250 17.65 35.84 14.40
N PHE B 251 16.55 35.10 14.55
CA PHE B 251 16.31 33.96 13.65
C PHE B 251 15.97 34.43 12.26
N ASP B 252 16.41 33.65 11.26
CA ASP B 252 16.00 33.97 9.90
C ASP B 252 14.51 33.68 9.70
N LEU B 253 13.99 32.63 10.35
CA LEU B 253 12.68 32.13 9.95
C LEU B 253 12.01 31.35 11.07
N ILE B 254 10.75 31.00 10.82
CA ILE B 254 10.02 29.98 11.57
C ILE B 254 9.34 29.13 10.52
N ASN B 255 9.39 27.83 10.68
CA ASN B 255 8.80 26.91 9.71
C ASN B 255 7.65 26.18 10.40
N VAL B 256 6.42 26.45 9.97
CA VAL B 256 5.23 25.94 10.67
C VAL B 256 4.62 24.72 10.00
N GLY B 257 5.30 24.12 9.01
CA GLY B 257 4.83 22.87 8.44
C GLY B 257 3.60 22.97 7.54
N GLY B 258 2.89 21.83 7.45
CA GLY B 258 1.76 21.73 6.54
C GLY B 258 0.45 21.39 7.23
N GLY B 259 -0.48 20.74 6.50
CA GLY B 259 -1.69 20.20 7.10
C GLY B 259 -2.97 20.93 6.76
N ILE B 260 -2.92 21.93 5.88
CA ILE B 260 -4.14 22.58 5.39
C ILE B 260 -5.02 21.49 4.79
N PRO B 261 -6.27 21.35 5.20
CA PRO B 261 -7.09 20.25 4.71
C PRO B 261 -7.68 20.58 3.34
N VAL B 262 -8.18 19.54 2.67
CA VAL B 262 -8.89 19.63 1.40
C VAL B 262 -10.31 19.09 1.59
N PRO B 263 -11.36 19.68 1.01
CA PRO B 263 -12.69 19.07 1.09
C PRO B 263 -12.77 17.79 0.25
N TYR B 264 -13.12 16.68 0.91
CA TYR B 264 -13.44 15.43 0.21
C TYR B 264 -14.94 15.18 0.24
N LYS B 265 -15.66 15.81 1.15
CA LYS B 265 -17.11 15.93 1.10
C LYS B 265 -17.44 17.41 1.13
N TYR B 266 -18.38 17.84 0.29
CA TYR B 266 -18.57 19.27 0.07
C TYR B 266 -19.80 19.82 0.78
N ASP B 267 -20.73 18.98 1.22
CA ASP B 267 -21.99 19.45 1.77
C ASP B 267 -21.82 19.76 3.26
N ASP B 268 -21.01 20.79 3.53
CA ASP B 268 -20.58 21.14 4.89
C ASP B 268 -21.75 21.30 5.86
N GLU B 269 -22.92 21.68 5.36
CA GLU B 269 -24.08 21.87 6.23
C GLU B 269 -24.54 20.56 6.87
N ASN B 270 -24.09 19.42 6.34
CA ASN B 270 -24.48 18.10 6.83
C ASN B 270 -23.34 17.39 7.53
N GLY B 271 -22.22 18.09 7.74
CA GLY B 271 -21.02 17.39 8.17
C GLY B 271 -20.47 17.93 9.47
N ASP B 272 -19.75 17.08 10.20
CA ASP B 272 -19.04 17.51 11.41
C ASP B 272 -17.57 17.23 11.21
N PRO B 273 -16.75 18.25 10.89
CA PRO B 273 -15.34 17.97 10.57
C PRO B 273 -14.55 17.34 11.69
N LEU B 274 -14.96 17.54 12.95
CA LEU B 274 -14.19 16.95 14.04
C LEU B 274 -14.51 15.48 14.24
N LYS B 275 -15.62 15.00 13.70
CA LYS B 275 -15.97 13.58 13.70
C LYS B 275 -15.62 12.89 12.38
N ASP B 276 -15.68 13.62 11.27
CA ASP B 276 -15.44 13.07 9.93
C ASP B 276 -14.55 14.11 9.24
N ASN B 277 -13.24 13.90 9.26
CA ASN B 277 -12.34 14.89 8.67
C ASN B 277 -12.29 14.82 7.14
N MET B 278 -13.17 14.05 6.48
CA MET B 278 -13.36 14.28 5.06
C MET B 278 -14.02 15.63 4.80
N TYR B 279 -14.73 16.18 5.78
CA TYR B 279 -15.15 17.56 5.71
C TYR B 279 -13.98 18.41 6.18
N ALA B 280 -13.63 19.43 5.38
N ALA B 280 -13.63 19.41 5.37
CA ALA B 280 -12.34 20.08 5.58
CA ALA B 280 -12.58 20.34 5.73
C ALA B 280 -12.32 20.94 6.84
C ALA B 280 -13.14 21.32 6.76
N GLY B 281 -13.45 21.54 7.20
N GLY B 281 -12.56 21.32 7.96
CA GLY B 281 -13.49 22.36 8.41
CA GLY B 281 -13.05 22.22 8.99
C GLY B 281 -12.95 23.76 8.25
C GLY B 281 -12.66 23.66 8.78
N ILE B 282 -11.65 23.90 7.95
CA ILE B 282 -11.04 25.22 7.80
C ILE B 282 -10.54 25.39 6.37
N THR B 283 -10.18 26.63 6.05
CA THR B 283 -9.60 26.97 4.78
C THR B 283 -8.16 27.40 4.97
N ALA B 284 -7.48 27.57 3.83
CA ALA B 284 -6.13 28.13 3.89
C ALA B 284 -6.11 29.47 4.61
N GLN B 285 -7.13 30.33 4.41
CA GLN B 285 -7.19 31.62 5.09
C GLN B 285 -7.23 31.44 6.61
N ASP B 286 -7.96 30.44 7.10
CA ASP B 286 -8.05 30.20 8.54
C ASP B 286 -6.70 29.75 9.09
N PHE B 287 -6.03 28.84 8.38
CA PHE B 287 -4.67 28.42 8.76
C PHE B 287 -3.74 29.62 8.83
N ALA B 288 -3.78 30.47 7.81
CA ALA B 288 -2.88 31.63 7.80
C ALA B 288 -3.21 32.61 8.91
N ASP B 289 -4.50 32.93 9.09
CA ASP B 289 -4.90 33.85 10.15
C ASP B 289 -4.36 33.36 11.50
N ALA B 290 -4.48 32.06 11.76
CA ALA B 290 -4.02 31.53 13.05
C ALA B 290 -2.50 31.65 13.20
N VAL B 291 -1.77 31.28 12.15
CA VAL B 291 -0.30 31.31 12.18
C VAL B 291 0.21 32.75 12.28
N ILE B 292 -0.30 33.63 11.42
CA ILE B 292 0.23 34.99 11.40
C ILE B 292 -0.09 35.73 12.69
N ARG B 293 -1.28 35.50 13.26
CA ARG B 293 -1.65 36.16 14.50
C ARG B 293 -0.64 35.86 15.60
N GLU B 294 -0.16 34.61 15.67
CA GLU B 294 0.83 34.27 16.69
C GLU B 294 2.22 34.79 16.34
N VAL B 295 2.64 34.61 15.08
CA VAL B 295 3.97 35.10 14.72
C VAL B 295 4.08 36.61 14.94
N HIS B 296 3.01 37.37 14.62
CA HIS B 296 3.14 38.83 14.70
C HIS B 296 3.13 39.37 16.13
N LYS B 297 2.87 38.54 17.13
CA LYS B 297 3.10 38.96 18.52
C LYS B 297 4.59 39.06 18.85
N TRP B 298 5.44 38.56 17.96
CA TRP B 298 6.89 38.54 18.14
C TRP B 298 7.60 39.36 17.08
N ARG B 299 7.40 39.05 15.79
CA ARG B 299 8.11 39.74 14.72
C ARG B 299 7.23 39.77 13.47
N THR B 300 7.23 40.94 12.78
CA THR B 300 6.59 41.03 11.48
C THR B 300 7.57 40.87 10.32
N ASP B 301 8.87 40.96 10.56
CA ASP B 301 9.87 40.88 9.50
C ASP B 301 10.39 39.47 9.27
N VAL B 302 10.17 38.56 10.21
CA VAL B 302 10.75 37.23 10.12
C VAL B 302 10.08 36.47 8.97
N GLU B 303 10.82 35.58 8.34
CA GLU B 303 10.26 34.74 7.28
C GLU B 303 9.40 33.62 7.88
N ILE B 304 8.18 33.42 7.37
CA ILE B 304 7.38 32.25 7.73
C ILE B 304 7.52 31.26 6.58
N CYS B 305 7.97 30.04 6.88
CA CYS B 305 7.98 28.97 5.90
C CYS B 305 6.80 28.07 6.16
N ILE B 306 6.11 27.66 5.09
CA ILE B 306 5.03 26.68 5.18
C ILE B 306 5.35 25.54 4.22
N GLU B 307 4.80 24.33 4.53
CA GLU B 307 5.10 23.09 3.80
C GLU B 307 3.81 22.37 3.37
N PRO B 308 2.88 23.07 2.71
CA PRO B 308 1.62 22.39 2.31
C PRO B 308 1.91 21.30 1.31
N GLY B 309 1.22 20.17 1.49
CA GLY B 309 1.28 19.07 0.53
C GLY B 309 -0.06 18.80 -0.13
N ARG B 310 -0.92 18.16 0.65
CA ARG B 310 -2.27 17.80 0.19
C ARG B 310 -3.00 18.97 -0.50
N LYS B 311 -2.94 20.17 0.07
CA LYS B 311 -3.72 21.27 -0.48
C LYS B 311 -3.27 21.67 -1.89
N VAL B 312 -1.99 21.46 -2.23
CA VAL B 312 -1.52 21.87 -3.56
C VAL B 312 -2.14 21.01 -4.66
N THR B 313 -2.17 19.66 -4.48
CA THR B 313 -2.60 18.78 -5.57
C THR B 313 -3.87 17.98 -5.32
N GLY B 314 -4.39 17.93 -4.09
CA GLY B 314 -5.47 17.00 -3.77
C GLY B 314 -6.68 17.11 -4.70
N SER B 315 -7.20 18.33 -4.86
CA SER B 315 -8.38 18.56 -5.70
C SER B 315 -8.07 18.52 -7.19
N ALA B 316 -6.81 18.35 -7.58
CA ALA B 316 -6.37 18.59 -8.94
C ALA B 316 -6.17 17.33 -9.75
N ALA B 317 -6.69 16.18 -9.31
CA ALA B 317 -6.67 15.01 -10.17
C ALA B 317 -7.97 14.25 -10.06
N VAL B 318 -8.23 13.44 -11.10
N VAL B 318 -8.25 13.47 -11.09
CA VAL B 318 -9.34 12.48 -11.15
CA VAL B 318 -9.28 12.45 -11.02
C VAL B 318 -8.78 11.13 -11.54
C VAL B 318 -8.67 11.11 -11.40
N LEU B 319 -9.26 10.06 -10.88
CA LEU B 319 -8.91 8.70 -11.28
C LEU B 319 -10.01 8.23 -12.21
N LEU B 320 -9.64 7.84 -13.43
CA LEU B 320 -10.58 7.32 -14.42
C LEU B 320 -10.44 5.81 -14.55
N THR B 321 -11.54 5.06 -14.36
CA THR B 321 -11.48 3.60 -14.35
C THR B 321 -12.71 3.06 -15.06
N GLU B 322 -12.51 2.04 -15.88
CA GLU B 322 -13.60 1.53 -16.71
C GLU B 322 -14.41 0.48 -15.95
N VAL B 323 -15.74 0.56 -16.04
CA VAL B 323 -16.56 -0.55 -15.56
C VAL B 323 -16.27 -1.75 -16.44
N SER B 324 -15.78 -2.82 -15.85
CA SER B 324 -15.21 -3.92 -16.61
C SER B 324 -15.93 -5.23 -16.40
N CYS B 325 -16.82 -5.30 -15.42
CA CYS B 325 -17.64 -6.50 -15.22
C CYS B 325 -18.80 -6.06 -14.34
N GLU B 326 -19.82 -6.91 -14.25
CA GLU B 326 -20.97 -6.68 -13.38
CA GLU B 326 -20.95 -6.68 -13.37
C GLU B 326 -21.53 -8.03 -12.99
N LYS B 327 -22.21 -8.08 -11.84
CA LYS B 327 -22.98 -9.27 -11.46
C LYS B 327 -24.03 -8.85 -10.46
N ARG B 328 -25.05 -9.69 -10.33
N ARG B 328 -25.05 -9.70 -10.29
CA ARG B 328 -26.06 -9.59 -9.31
CA ARG B 328 -26.08 -9.51 -9.29
C ARG B 328 -25.86 -10.76 -8.36
C ARG B 328 -26.10 -10.72 -8.36
N LYS B 329 -25.87 -10.49 -7.07
CA LYS B 329 -25.93 -11.54 -6.08
C LYS B 329 -27.20 -11.38 -5.28
N THR B 330 -27.80 -12.50 -4.92
CA THR B 330 -29.11 -12.46 -4.31
C THR B 330 -29.07 -13.24 -3.02
N ASN B 331 -29.61 -12.65 -1.96
CA ASN B 331 -29.89 -13.33 -0.70
C ASN B 331 -31.29 -13.94 -0.79
N TYR B 332 -31.39 -15.27 -0.61
CA TYR B 332 -32.65 -15.98 -0.70
C TYR B 332 -33.12 -16.41 0.69
N ASP B 333 -34.44 -16.48 0.87
CA ASP B 333 -35.03 -16.94 2.12
C ASP B 333 -35.03 -18.47 2.17
N LEU B 334 -35.76 -19.03 3.13
CA LEU B 334 -35.80 -20.48 3.28
C LEU B 334 -36.67 -21.17 2.23
N ASN B 335 -37.61 -20.45 1.63
CA ASN B 335 -38.46 -20.99 0.57
C ASN B 335 -37.90 -20.72 -0.82
N GLY B 336 -36.72 -20.10 -0.93
CA GLY B 336 -36.18 -19.75 -2.22
C GLY B 336 -36.70 -18.47 -2.81
N ASN B 337 -37.45 -17.67 -2.05
CA ASN B 337 -37.92 -16.38 -2.50
C ASN B 337 -36.85 -15.32 -2.19
N VAL B 338 -36.81 -14.30 -3.03
CA VAL B 338 -35.79 -13.27 -2.91
C VAL B 338 -35.98 -12.49 -1.61
N GLU B 339 -34.87 -12.24 -0.92
CA GLU B 339 -34.82 -11.26 0.18
C GLU B 339 -34.32 -9.91 -0.28
N CYS B 340 -33.18 -9.88 -0.96
CA CYS B 340 -32.69 -8.64 -1.56
C CYS B 340 -31.68 -9.01 -2.63
N HIS B 341 -31.43 -8.05 -3.53
CA HIS B 341 -30.43 -8.18 -4.58
C HIS B 341 -29.33 -7.20 -4.30
N VAL B 342 -28.09 -7.57 -4.65
CA VAL B 342 -26.95 -6.67 -4.57
C VAL B 342 -26.37 -6.58 -5.97
N GLU B 343 -26.29 -5.37 -6.51
CA GLU B 343 -25.72 -5.14 -7.83
C GLU B 343 -24.26 -4.75 -7.67
N TRP B 344 -23.35 -5.65 -8.07
CA TRP B 344 -21.93 -5.37 -8.04
C TRP B 344 -21.47 -4.86 -9.40
N LYS B 345 -20.74 -3.75 -9.38
CA LYS B 345 -20.07 -3.23 -10.55
C LYS B 345 -18.58 -3.33 -10.29
N PHE B 346 -17.82 -3.87 -11.24
CA PHE B 346 -16.36 -4.04 -11.09
C PHE B 346 -15.66 -3.04 -11.98
N VAL B 347 -14.75 -2.25 -11.38
CA VAL B 347 -13.92 -1.34 -12.16
C VAL B 347 -12.51 -1.90 -12.22
N ASP B 348 -11.71 -1.39 -13.16
CA ASP B 348 -10.38 -1.90 -13.38
C ASP B 348 -9.30 -1.29 -12.48
N ALA B 349 -9.71 -0.49 -11.50
CA ALA B 349 -8.83 0.00 -10.43
C ALA B 349 -9.29 -0.53 -9.09
N GLY B 350 -8.36 -1.09 -8.30
CA GLY B 350 -8.65 -1.49 -6.93
C GLY B 350 -7.70 -0.77 -5.97
N TYR B 351 -7.48 -1.35 -4.79
CA TYR B 351 -6.67 -0.63 -3.79
C TYR B 351 -5.18 -0.58 -4.14
N SER B 352 -4.71 -1.39 -5.08
CA SER B 352 -3.34 -1.25 -5.56
C SER B 352 -3.15 0.04 -6.36
N VAL B 353 -4.20 0.69 -6.83
N VAL B 353 -4.23 0.62 -6.84
CA VAL B 353 -4.02 1.97 -7.53
CA VAL B 353 -4.22 1.85 -7.64
C VAL B 353 -4.71 3.14 -6.86
C VAL B 353 -4.59 3.07 -6.79
N LEU B 354 -5.58 2.91 -5.87
CA LEU B 354 -6.12 3.98 -5.02
C LEU B 354 -6.01 3.48 -3.58
N SER B 355 -4.79 3.58 -3.05
CA SER B 355 -4.44 2.93 -1.78
CA SER B 355 -4.51 2.87 -1.80
C SER B 355 -5.30 3.44 -0.62
N ASP B 356 -5.46 4.77 -0.53
CA ASP B 356 -6.04 5.33 0.69
C ASP B 356 -7.51 5.03 0.84
N SER B 357 -8.19 4.72 -0.28
CA SER B 357 -9.58 4.26 -0.20
C SER B 357 -9.73 3.03 0.68
N GLN B 358 -8.72 2.17 0.74
CA GLN B 358 -8.72 0.94 1.53
C GLN B 358 -8.04 1.16 2.86
N HIS B 359 -6.80 1.66 2.83
CA HIS B 359 -5.95 1.57 3.99
C HIS B 359 -6.18 2.70 4.98
N PHE B 360 -6.78 3.82 4.55
CA PHE B 360 -7.02 4.94 5.44
C PHE B 360 -8.47 5.40 5.42
N ASP B 361 -9.37 4.52 4.97
CA ASP B 361 -10.79 4.80 4.99
C ASP B 361 -11.12 6.16 4.38
N TRP B 362 -10.48 6.45 3.26
CA TRP B 362 -10.59 7.76 2.63
C TRP B 362 -11.76 7.78 1.67
N PHE B 363 -12.56 8.83 1.74
CA PHE B 363 -13.71 9.03 0.85
C PHE B 363 -13.31 9.89 -0.35
N PHE B 364 -13.76 9.45 -1.54
CA PHE B 364 -13.64 10.24 -2.76
C PHE B 364 -15.00 10.18 -3.43
N TYR B 365 -15.49 11.32 -3.94
CA TYR B 365 -16.72 11.29 -4.73
C TYR B 365 -16.57 10.37 -5.94
N VAL B 366 -17.58 9.53 -6.18
CA VAL B 366 -17.60 8.62 -7.31
C VAL B 366 -18.80 8.97 -8.21
N TYR B 367 -18.55 9.12 -9.50
CA TYR B 367 -19.62 9.39 -10.47
C TYR B 367 -19.39 8.62 -11.75
N ASN B 368 -20.46 8.41 -12.52
CA ASN B 368 -20.32 7.81 -13.84
C ASN B 368 -20.00 8.95 -14.78
N ALA B 369 -18.71 9.06 -15.16
CA ALA B 369 -18.28 10.13 -16.06
C ALA B 369 -18.88 10.00 -17.46
N SER B 370 -19.25 8.80 -17.88
CA SER B 370 -19.89 8.61 -19.19
C SER B 370 -21.37 9.01 -19.18
N ARG B 371 -21.95 9.14 -17.99
CA ARG B 371 -23.38 9.41 -17.84
C ARG B 371 -23.55 10.42 -16.73
N MET B 372 -22.78 11.52 -16.81
CA MET B 372 -22.69 12.41 -15.68
C MET B 372 -23.95 13.27 -15.52
N THR B 373 -24.73 13.44 -16.59
CA THR B 373 -25.97 14.20 -16.55
C THR B 373 -27.17 13.33 -16.24
N ALA B 374 -26.97 12.02 -16.08
CA ALA B 374 -28.07 11.11 -15.75
C ALA B 374 -28.18 11.03 -14.24
N ALA B 375 -29.42 10.94 -13.74
CA ALA B 375 -29.62 10.67 -12.32
C ALA B 375 -28.83 9.43 -11.87
N HIS B 376 -28.06 9.59 -10.79
CA HIS B 376 -27.39 8.47 -10.13
C HIS B 376 -28.39 7.89 -9.15
N ASP B 377 -29.20 6.96 -9.65
CA ASP B 377 -30.44 6.55 -9.01
C ASP B 377 -30.48 5.08 -8.59
N ALA B 378 -29.36 4.37 -8.70
CA ALA B 378 -29.33 2.95 -8.36
C ALA B 378 -28.21 2.71 -7.35
N TRP B 379 -28.55 1.98 -6.29
CA TRP B 379 -27.58 1.58 -5.27
C TRP B 379 -26.77 0.40 -5.77
N ILE B 380 -25.45 0.54 -5.73
CA ILE B 380 -24.54 -0.50 -6.21
C ILE B 380 -23.40 -0.63 -5.21
N LYS B 381 -22.74 -1.78 -5.26
CA LYS B 381 -21.46 -1.94 -4.58
C LYS B 381 -20.36 -1.96 -5.63
N LEU B 382 -19.25 -1.32 -5.32
CA LEU B 382 -18.21 -1.01 -6.29
C LEU B 382 -16.95 -1.80 -5.92
N ALA B 383 -16.53 -2.70 -6.81
CA ALA B 383 -15.44 -3.62 -6.54
C ALA B 383 -14.27 -3.34 -7.45
N GLY B 384 -13.06 -3.66 -6.96
CA GLY B 384 -11.89 -3.64 -7.81
C GLY B 384 -11.56 -5.01 -8.39
N PRO B 385 -10.46 -5.09 -9.13
CA PRO B 385 -10.11 -6.32 -9.87
C PRO B 385 -9.16 -7.25 -9.14
N LEU B 386 -8.70 -6.90 -7.94
CA LEU B 386 -7.73 -7.77 -7.27
C LEU B 386 -8.38 -9.04 -6.75
N CYS B 387 -7.63 -10.13 -6.86
N CYS B 387 -7.50 -10.01 -6.45
CA CYS B 387 -8.09 -11.44 -6.40
CA CYS B 387 -7.88 -11.26 -5.81
C CYS B 387 -7.91 -11.45 -4.89
C CYS B 387 -8.58 -11.06 -4.47
N ASP B 388 -8.83 -10.75 -4.22
N ASP B 388 -8.03 -10.16 -3.64
CA ASP B 388 -8.75 -10.50 -2.78
CA ASP B 388 -8.55 -9.93 -2.29
C ASP B 388 -10.14 -10.05 -2.35
C ASP B 388 -10.05 -9.68 -2.31
N GLY B 389 -10.77 -10.80 -1.44
N GLY B 389 -10.80 -10.50 -1.57
CA GLY B 389 -12.11 -10.49 -1.02
CA GLY B 389 -12.21 -10.21 -1.38
C GLY B 389 -12.26 -9.11 -0.42
C GLY B 389 -12.46 -8.88 -0.70
N GLY B 390 -11.18 -8.50 0.05
N GLY B 390 -11.47 -8.40 0.06
CA GLY B 390 -11.27 -7.17 0.61
CA GLY B 390 -11.55 -7.06 0.59
C GLY B 390 -11.17 -6.03 -0.37
C GLY B 390 -11.25 -5.97 -0.41
N ASP B 391 -10.85 -6.31 -1.65
CA ASP B 391 -10.66 -5.28 -2.67
C ASP B 391 -12.00 -4.85 -3.24
N TYR B 392 -12.75 -4.13 -2.42
CA TYR B 392 -13.85 -3.34 -2.92
C TYR B 392 -13.89 -2.04 -2.12
N PHE B 393 -14.63 -1.07 -2.63
CA PHE B 393 -14.58 0.29 -2.07
C PHE B 393 -15.64 0.37 -0.99
N HIS B 394 -15.20 0.49 0.26
CA HIS B 394 -16.09 0.47 1.42
CA HIS B 394 -16.14 0.47 1.37
C HIS B 394 -16.61 1.85 1.81
N MET B 395 -15.99 2.94 1.33
CA MET B 395 -16.38 4.29 1.76
C MET B 395 -17.40 4.84 0.78
N GLY B 396 -18.64 4.36 0.93
CA GLY B 396 -19.71 4.67 0.00
C GLY B 396 -20.48 5.92 0.34
N VAL B 397 -21.52 6.16 -0.45
CA VAL B 397 -22.45 7.27 -0.21
C VAL B 397 -23.32 6.97 1.00
N LYS B 398 -23.75 5.71 1.14
CA LYS B 398 -24.55 5.27 2.27
C LYS B 398 -23.95 3.94 2.72
N GLY B 399 -23.24 3.94 3.85
CA GLY B 399 -22.52 2.74 4.24
C GLY B 399 -21.54 2.35 3.13
N GLU B 400 -21.59 1.08 2.72
CA GLU B 400 -20.71 0.59 1.66
C GLU B 400 -21.37 0.67 0.28
N GLU B 401 -22.49 1.35 0.14
CA GLU B 401 -23.19 1.42 -1.14
C GLU B 401 -22.93 2.75 -1.83
N PHE B 402 -22.76 2.72 -3.14
CA PHE B 402 -22.59 3.90 -3.98
C PHE B 402 -23.86 4.09 -4.83
N LEU B 403 -23.92 5.23 -5.53
CA LEU B 403 -25.02 5.57 -6.43
C LEU B 403 -24.47 5.75 -7.84
N LEU B 404 -25.01 5.01 -8.81
CA LEU B 404 -24.70 5.23 -10.22
C LEU B 404 -26.01 5.17 -10.99
N PRO B 405 -26.03 5.71 -12.22
CA PRO B 405 -27.23 5.58 -13.06
C PRO B 405 -27.63 4.11 -13.24
N LYS B 406 -28.94 3.86 -13.23
CA LYS B 406 -29.40 2.50 -13.49
C LYS B 406 -29.02 2.05 -14.89
N GLU B 407 -28.75 3.01 -15.79
CA GLU B 407 -28.32 2.72 -17.15
C GLU B 407 -26.83 2.35 -17.26
N THR B 408 -26.09 2.35 -16.14
CA THR B 408 -24.67 2.04 -16.18
C THR B 408 -24.41 0.70 -16.85
N HIS B 409 -23.49 0.68 -17.80
N HIS B 409 -23.41 0.66 -17.72
CA HIS B 409 -23.12 -0.51 -18.55
CA HIS B 409 -23.12 -0.48 -18.58
C HIS B 409 -21.61 -0.73 -18.43
C HIS B 409 -21.61 -0.70 -18.57
N VAL B 410 -21.21 -1.98 -18.65
CA VAL B 410 -19.79 -2.28 -18.79
C VAL B 410 -19.26 -1.50 -19.98
N GLY B 411 -18.11 -0.86 -19.78
CA GLY B 411 -17.52 0.04 -20.73
C GLY B 411 -17.66 1.50 -20.34
N ASP B 412 -18.60 1.83 -19.45
CA ASP B 412 -18.67 3.20 -18.96
C ASP B 412 -17.41 3.52 -18.14
N ILE B 413 -17.10 4.82 -18.06
CA ILE B 413 -15.94 5.31 -17.31
C ILE B 413 -16.45 5.90 -16.00
N VAL B 414 -15.91 5.42 -14.89
CA VAL B 414 -16.20 5.93 -13.56
C VAL B 414 -15.06 6.88 -13.17
N ALA B 415 -15.41 7.98 -12.54
CA ALA B 415 -14.44 8.95 -12.02
C ALA B 415 -14.48 8.99 -10.51
N PHE B 416 -13.28 9.01 -9.89
CA PHE B 416 -13.08 9.36 -8.48
C PHE B 416 -12.49 10.76 -8.45
N LEU B 417 -13.18 11.70 -7.81
CA LEU B 417 -12.70 13.09 -7.74
C LEU B 417 -11.71 13.25 -6.58
N ASP B 418 -11.00 14.39 -6.59
CA ASP B 418 -10.09 14.75 -5.48
C ASP B 418 -9.03 13.69 -5.25
N ALA B 419 -8.47 13.21 -6.34
CA ALA B 419 -7.59 12.04 -6.32
C ALA B 419 -6.13 12.43 -6.56
N GLY B 420 -5.72 13.65 -6.15
CA GLY B 420 -4.41 14.16 -6.53
C GLY B 420 -3.35 14.09 -5.45
N ALA B 421 -3.71 13.72 -4.22
CA ALA B 421 -2.75 13.72 -3.11
C ALA B 421 -2.53 12.29 -2.62
N TYR B 422 -1.26 11.89 -2.56
CA TYR B 422 -0.85 10.59 -1.99
C TYR B 422 -1.44 9.40 -2.74
N THR B 423 -1.65 9.54 -4.06
CA THR B 423 -2.26 8.51 -4.88
C THR B 423 -1.35 7.86 -5.90
N ILE B 424 -0.18 8.42 -6.22
CA ILE B 424 0.66 7.81 -7.26
C ILE B 424 1.77 6.95 -6.67
N GLU B 425 2.59 7.52 -5.77
CA GLU B 425 3.72 6.77 -5.23
C GLU B 425 3.29 5.64 -4.33
N SER B 426 2.02 5.67 -3.84
CA SER B 426 1.47 4.65 -2.96
C SER B 426 0.91 3.45 -3.71
N GLN B 427 0.99 3.44 -5.04
CA GLN B 427 0.49 2.29 -5.80
C GLN B 427 1.43 1.09 -5.69
N THR B 428 0.88 -0.11 -5.96
CA THR B 428 1.67 -1.33 -5.90
C THR B 428 1.45 -2.14 -7.18
N VAL B 429 2.24 -3.18 -7.34
CA VAL B 429 2.00 -4.15 -8.43
C VAL B 429 1.43 -5.46 -7.89
N PHE B 430 0.62 -5.38 -6.83
CA PHE B 430 -0.05 -6.57 -6.31
C PHE B 430 -0.88 -7.23 -7.41
N ASN B 431 -0.80 -8.57 -7.45
CA ASN B 431 -1.40 -9.41 -8.52
C ASN B 431 -0.72 -9.17 -9.87
N ASN B 432 0.40 -8.44 -9.92
N ASN B 432 0.42 -8.47 -9.90
CA ASN B 432 1.04 -8.04 -11.18
CA ASN B 432 1.05 -7.99 -11.14
C ASN B 432 0.11 -7.20 -12.06
C ASN B 432 0.05 -7.28 -12.04
N ARG B 433 -0.82 -6.50 -11.44
CA ARG B 433 -1.48 -5.44 -12.18
C ARG B 433 -0.54 -4.23 -12.21
N PRO B 434 -0.43 -3.53 -13.34
CA PRO B 434 0.55 -2.45 -13.42
C PRO B 434 0.13 -1.20 -12.66
N ARG B 435 1.15 -0.47 -12.15
CA ARG B 435 0.88 0.90 -11.69
C ARG B 435 0.45 1.76 -12.88
N THR B 436 -0.38 2.75 -12.60
CA THR B 436 -1.09 3.46 -13.67
C THR B 436 -0.24 4.50 -14.42
N GLY B 437 -0.66 4.71 -15.66
CA GLY B 437 -0.28 5.94 -16.34
C GLY B 437 -0.86 7.17 -15.66
N VAL B 438 -0.30 8.32 -16.02
CA VAL B 438 -0.78 9.61 -15.51
C VAL B 438 -0.78 10.60 -16.66
N VAL B 439 -1.90 11.32 -16.85
CA VAL B 439 -2.05 12.33 -17.89
C VAL B 439 -2.10 13.70 -17.23
N MET B 440 -1.55 14.72 -17.90
CA MET B 440 -1.62 16.10 -17.43
CA MET B 440 -1.65 16.09 -17.42
C MET B 440 -2.43 16.93 -18.42
N ILE B 441 -3.38 17.71 -17.91
CA ILE B 441 -4.00 18.80 -18.67
C ILE B 441 -3.20 20.07 -18.38
N ASP B 442 -2.58 20.65 -19.42
CA ASP B 442 -1.76 21.82 -19.15
C ASP B 442 -2.59 23.10 -19.11
N LYS B 443 -1.91 24.24 -18.91
CA LYS B 443 -2.58 25.52 -18.78
C LYS B 443 -3.34 25.94 -20.03
N ASN B 444 -2.99 25.38 -21.19
CA ASN B 444 -3.70 25.67 -22.42
C ASN B 444 -4.85 24.71 -22.66
N GLY B 445 -5.09 23.76 -21.75
CA GLY B 445 -6.15 22.80 -21.94
C GLY B 445 -5.76 21.57 -22.74
N ASP B 446 -4.49 21.44 -23.10
CA ASP B 446 -4.00 20.31 -23.88
C ASP B 446 -3.54 19.20 -22.97
N THR B 447 -3.66 17.95 -23.43
CA THR B 447 -3.32 16.78 -22.64
C THR B 447 -2.04 16.12 -23.13
N ARG B 448 -1.29 15.53 -22.19
CA ARG B 448 -0.13 14.71 -22.57
C ARG B 448 0.08 13.66 -21.51
N LEU B 449 0.68 12.54 -21.89
CA LEU B 449 1.05 11.53 -20.91
C LEU B 449 2.32 11.98 -20.18
N ILE B 450 2.27 11.94 -18.85
CA ILE B 450 3.41 12.31 -18.02
C ILE B 450 3.97 11.15 -17.23
N ARG B 451 3.27 10.01 -17.18
CA ARG B 451 3.86 8.79 -16.65
CA ARG B 451 3.84 8.79 -16.63
C ARG B 451 3.25 7.63 -17.41
N ARG B 452 4.07 6.70 -17.86
CA ARG B 452 3.54 5.54 -18.56
C ARG B 452 2.97 4.53 -17.56
N GLU B 453 2.07 3.68 -18.06
CA GLU B 453 1.68 2.53 -17.27
C GLU B 453 2.87 1.57 -17.21
N ASP B 454 3.06 0.90 -16.07
CA ASP B 454 4.10 -0.14 -16.03
C ASP B 454 3.81 -1.17 -17.12
N SER B 455 4.81 -1.52 -17.90
CA SER B 455 4.68 -2.59 -18.89
C SER B 455 5.02 -3.95 -18.26
N TYR B 456 4.74 -5.02 -18.99
CA TYR B 456 5.16 -6.34 -18.51
C TYR B 456 6.66 -6.34 -18.32
N GLU B 457 7.37 -5.79 -19.29
CA GLU B 457 8.83 -5.75 -19.21
C GLU B 457 9.28 -5.03 -17.93
N ASP B 458 8.47 -4.07 -17.44
N ASP B 458 8.81 -3.79 -17.74
CA ASP B 458 8.68 -3.49 -16.10
CA ASP B 458 9.30 -2.98 -16.62
C ASP B 458 8.41 -4.47 -14.96
C ASP B 458 9.21 -3.80 -15.35
N MET B 459 7.50 -5.44 -15.14
N MET B 459 8.10 -4.51 -15.19
CA MET B 459 7.17 -6.33 -14.04
CA MET B 459 7.83 -5.24 -13.96
C MET B 459 8.34 -7.22 -13.64
C MET B 459 8.81 -6.38 -13.76
N VAL B 460 9.20 -7.57 -14.60
N VAL B 460 9.15 -7.11 -14.82
CA VAL B 460 10.27 -8.53 -14.38
CA VAL B 460 10.02 -8.27 -14.62
C VAL B 460 11.66 -7.95 -14.54
C VAL B 460 11.50 -7.89 -14.61
N LYS B 461 11.80 -6.71 -15.00
N LYS B 461 11.84 -6.68 -15.07
CA LYS B 461 13.13 -6.18 -15.22
CA LYS B 461 13.25 -6.34 -15.22
C LYS B 461 13.93 -6.01 -13.93
C LYS B 461 13.97 -6.16 -13.90
N TYR B 462 13.27 -5.93 -12.79
CA TYR B 462 14.00 -5.83 -11.52
C TYR B 462 14.50 -7.19 -11.07
N ASP B 463 13.91 -8.27 -11.58
CA ASP B 463 14.30 -9.61 -11.18
C ASP B 463 15.51 -10.08 -11.97
N ILE B 464 16.27 -10.95 -11.33
CA ILE B 464 17.46 -11.55 -11.92
C ILE B 464 17.17 -13.03 -12.08
N TYR B 465 17.05 -13.48 -13.34
CA TYR B 465 16.65 -14.85 -13.63
C TYR B 465 17.07 -15.19 -15.06
N LEU B 466 17.07 -16.49 -15.35
CA LEU B 466 17.57 -17.02 -16.60
C LEU B 466 16.49 -17.35 -17.61
N ALA B 467 15.28 -17.67 -17.16
CA ALA B 467 14.17 -18.06 -18.05
C ALA B 467 14.52 -19.28 -18.93
S DMS C . 7.32 -23.11 13.86
O DMS C . 8.77 -23.00 13.51
C1 DMS C . 6.52 -24.31 12.75
C2 DMS C . 6.50 -21.59 13.32
OA ORX D . -8.37 -12.45 0.59
CA ORX D . -7.95 -13.48 0.09
OXT ORX D . -8.49 -14.56 0.41
CAA ORX D . -6.83 -13.50 -0.89
NA ORX D . -7.01 -14.77 -1.63
C4A ORX D . -5.80 -15.35 -2.30
C4 ORX D . -6.23 -16.67 -3.07
C5 ORX D . -5.58 -17.89 -2.86
C6 ORX D . -6.02 -19.02 -3.58
N1 ORX D . -7.06 -18.91 -4.48
C2 ORX D . -7.69 -17.72 -4.68
C3 ORX D . -7.26 -16.59 -3.97
O3 ORX D . -7.93 -15.34 -4.21
C2A ORX D . -8.85 -17.59 -5.69
C5A ORX D . -4.38 -18.07 -1.85
OP4 ORX D . -4.81 -17.74 -0.57
P ORX D . -3.74 -18.05 0.63
OP1 ORX D . -4.48 -17.57 1.85
OP2 ORX D . -2.50 -17.23 0.36
OP3 ORX D . -3.47 -19.57 0.64
CBA ORX D . -5.43 -13.34 -0.17
CGA ORX D . -5.21 -11.82 0.19
CDA ORX D . -4.26 -11.64 1.46
NE ORX D . -3.79 -10.26 1.57
C ACT E . -15.41 -29.53 -25.10
O ACT E . -15.52 -28.43 -25.71
OXT ACT E . -16.29 -30.14 -24.40
CH3 ACT E . -14.03 -30.25 -25.19
S DMS F . 18.16 5.01 -1.17
O DMS F . 17.34 4.66 0.04
C1 DMS F . 19.79 4.22 -1.09
C2 DMS F . 18.65 6.75 -0.99
NA NA G . -19.24 -27.02 -23.85
CL CL H . -22.19 -25.62 -31.63
N2 PUT I . -9.45 -0.10 6.65
C4 PUT I . -8.33 0.50 7.38
C3 PUT I . -7.41 -0.53 8.03
C2 PUT I . -6.37 0.11 8.95
C1 PUT I . -5.47 -0.91 9.63
N1 PUT I . -4.42 -0.31 10.45
S DMS J . -15.72 22.21 -3.65
O DMS J . -15.35 22.61 -2.25
C1 DMS J . -14.20 21.57 -4.41
C2 DMS J . -16.01 23.69 -4.65
OA ORX K . 1.55 12.26 8.80
OA ORX K . 2.69 13.45 9.42
CA ORX K . 1.71 13.34 8.24
CA ORX K . 2.20 13.87 8.38
OXT ORX K . 1.37 14.38 8.84
OXT ORX K . 1.34 14.76 8.41
CAA ORX K . 2.29 13.44 6.87
CAA ORX K . 2.63 13.32 7.08
NA ORX K . 2.93 14.77 6.81
NA ORX K . 3.71 14.18 6.57
C4A ORX K . 3.57 15.16 5.48
C4A ORX K . 3.13 15.41 5.89
C4 ORX K . 4.37 16.51 5.77
C4 ORX K . 4.10 16.64 6.07
C5 ORX K . 3.97 17.71 5.25
C5 ORX K . 3.86 17.79 5.35
C6 ORX K . 4.66 18.90 5.51
C6 ORX K . 4.71 18.89 5.49
N1 ORX K . 5.78 18.84 6.32
N1 ORX K . 5.79 18.81 6.33
C2 ORX K . 6.18 17.65 6.85
C2 ORX K . 6.03 17.67 7.05
C3 ORX K . 5.47 16.47 6.58
C3 ORX K . 5.17 16.57 6.91
O3 ORX K . 5.94 15.23 7.14
O3 ORX K . 5.45 15.38 7.66
C2A ORX K . 7.44 17.59 7.76
C2A ORX K . 7.26 17.59 8.00
C5A ORX K . 2.71 17.79 4.33
C5A ORX K . 2.63 17.89 4.38
OP4 ORX K . 1.57 17.48 5.05
OP4 ORX K . 1.41 17.81 5.04
P ORX K . 0.15 17.81 4.28
P ORX K . 0.07 17.95 4.08
OP1 ORX K . 0.15 17.06 2.97
OP1 ORX K . 0.18 16.97 2.93
OP2 ORX K . -0.01 19.31 4.11
OP2 ORX K . -0.02 19.35 3.55
OP3 ORX K . -0.90 17.30 5.33
OP3 ORX K . -1.19 17.68 4.98
CBA ORX K . 1.21 13.18 5.75
CBA ORX K . 1.42 13.25 6.06
CGA ORX K . 0.69 11.69 5.75
CGA ORX K . 0.76 11.84 6.04
CDA ORX K . -0.32 11.43 4.55
CDA ORX K . -0.26 11.75 4.84
NE ORX K . -0.75 10.03 4.48
NE ORX K . -0.62 10.36 4.54
C ACT L . 12.83 31.52 -9.74
O ACT L . 13.15 31.55 -10.95
OXT ACT L . 13.04 30.61 -8.89
CH3 ACT L . 12.08 32.78 -9.19
C1 EDO M . -21.99 12.30 0.72
O1 EDO M . -21.83 11.14 1.56
C2 EDO M . -21.23 13.44 1.36
O2 EDO M . -21.14 14.51 0.42
S DMS N . -2.44 -4.96 -18.02
O DMS N . -3.43 -4.65 -16.93
C1 DMS N . -2.93 -4.05 -19.52
C2 DMS N . -2.70 -6.66 -18.60
NA NA O . 27.21 27.38 13.87
NA NA P . -10.13 0.61 -20.84
CL CL Q . 7.78 30.66 -2.31
#